data_8VBR
#
_entry.id   8VBR
#
_cell.length_a   70.053
_cell.length_b   70.187
_cell.length_c   241.825
_cell.angle_alpha   90.000
_cell.angle_beta   90.000
_cell.angle_gamma   90.000
#
_symmetry.space_group_name_H-M   'P 21 21 21'
#
loop_
_entity.id
_entity.type
_entity.pdbx_description
1 polymer 'Bovine Fab ElsE11 light chain'
2 polymer 'Bovine Fab Else11 heavy chain'
#
loop_
_entity_poly.entity_id
_entity_poly.type
_entity_poly.pdbx_seq_one_letter_code
_entity_poly.pdbx_strand_id
1 'polypeptide(L)'
;QAVLNQPSSVSGSLGQRVSITCSGSSSNVGNGYVSWYQLIPGSAPRTLIYGDTSRASGVPDRFSGSRSGNTATLTISSLQ
AEDEADYFCASAEDSSSNAVFGSGTTLTVLGQPKAAPSVTLFPPSSEELQANKATLVCLISDFYPGAVTVAWKADSSPVK
AGVETTTPSKQSNNKYAASSYLSLTPEQWKSHRSYSCQVTHEGSTVEKTVAPTECS
;
L,A
2 'polypeptide(L)'
;KVQLRESGPSLVKPSQTLSLTCTTSGFSLSDKTVGWVRQAPGKALEWLGSTDTSGNTGYNPGLKSRLSITKDNSKSQVSL
SVSSVSTADSATYYCTTVRQQTRKSCPDGWTLAKDCGFYGYGSEDCYDDCTDILSSNTLSPTTTHEFNVDAWGQGLLVTV
SSASTKGPSVFPLAPSSKSTSGGTAALGCLVKDYFPEPVTVSWNSGALTSGVHTFPAVLQSSGLYSLSSVVTVPSSSLGT
QTYICNVNHKPSNTKVDKKVEPKSC
;
H,B
#
# COMPACT_ATOMS: atom_id res chain seq x y z
N ALA A 2 22.67 -1.43 -13.28
CA ALA A 2 22.00 -1.26 -11.99
C ALA A 2 22.74 -2.04 -10.90
N VAL A 3 22.29 -3.26 -10.64
CA VAL A 3 22.98 -4.17 -9.73
C VAL A 3 23.72 -5.21 -10.57
N LEU A 4 24.78 -5.77 -10.00
CA LEU A 4 25.59 -6.77 -10.70
C LEU A 4 24.86 -8.10 -10.68
N ASN A 5 24.78 -8.76 -11.83
CA ASN A 5 23.99 -9.96 -12.00
C ASN A 5 24.79 -11.17 -11.50
N GLN A 6 24.37 -11.73 -10.37
CA GLN A 6 24.89 -12.98 -9.84
C GLN A 6 23.83 -14.07 -9.95
N PRO A 7 24.23 -15.34 -9.88
CA PRO A 7 23.22 -16.42 -9.83
C PRO A 7 22.51 -16.44 -8.48
N SER A 8 21.22 -16.74 -8.53
CA SER A 8 20.41 -16.78 -7.31
C SER A 8 21.07 -17.66 -6.25
N SER A 9 21.30 -18.93 -6.60
CA SER A 9 21.92 -19.88 -5.68
C SER A 9 22.91 -20.74 -6.45
N VAL A 10 23.84 -21.33 -5.70
CA VAL A 10 24.82 -22.26 -6.26
C VAL A 10 25.04 -23.38 -5.26
N SER A 11 25.16 -24.60 -5.77
CA SER A 11 25.33 -25.79 -4.95
C SER A 11 26.72 -26.38 -5.18
N GLY A 12 27.20 -27.10 -4.17
CA GLY A 12 28.49 -27.77 -4.26
C GLY A 12 28.72 -28.67 -3.07
N SER A 13 29.12 -29.91 -3.31
CA SER A 13 29.36 -30.85 -2.22
C SER A 13 30.72 -30.60 -1.59
N LEU A 14 30.87 -31.09 -0.36
CA LEU A 14 32.13 -30.93 0.37
C LEU A 14 33.31 -31.38 -0.47
N GLY A 15 34.40 -30.63 -0.41
CA GLY A 15 35.62 -30.92 -1.13
C GLY A 15 35.63 -30.45 -2.57
N GLN A 16 34.49 -30.43 -3.24
CA GLN A 16 34.43 -30.07 -4.64
C GLN A 16 34.81 -28.59 -4.82
N ARG A 17 34.86 -28.18 -6.08
CA ARG A 17 35.16 -26.80 -6.47
C ARG A 17 33.87 -26.08 -6.83
N VAL A 18 33.75 -24.83 -6.39
CA VAL A 18 32.56 -24.03 -6.60
C VAL A 18 32.97 -22.68 -7.18
N SER A 19 32.14 -22.15 -8.08
CA SER A 19 32.43 -20.89 -8.74
C SER A 19 31.16 -20.04 -8.79
N ILE A 20 31.29 -18.77 -8.45
CA ILE A 20 30.17 -17.82 -8.46
C ILE A 20 30.50 -16.72 -9.46
N THR A 21 29.57 -16.47 -10.38
CA THR A 21 29.76 -15.48 -11.43
C THR A 21 29.10 -14.16 -11.04
N CYS A 22 29.72 -13.06 -11.48
CA CYS A 22 29.29 -11.70 -11.16
C CYS A 22 29.48 -10.85 -12.42
N SER A 23 28.44 -10.78 -13.23
CA SER A 23 28.50 -10.12 -14.53
C SER A 23 27.94 -8.70 -14.44
N GLY A 24 28.61 -7.76 -15.09
CA GLY A 24 28.19 -6.38 -15.09
C GLY A 24 28.38 -5.69 -16.43
N SER A 25 29.06 -4.55 -16.42
CA SER A 25 29.28 -3.76 -17.62
C SER A 25 30.71 -3.23 -17.60
N SER A 26 31.02 -2.31 -18.52
CA SER A 26 32.36 -1.77 -18.61
C SER A 26 32.60 -0.71 -17.54
N SER A 27 31.57 0.09 -17.23
CA SER A 27 31.75 1.19 -16.28
C SER A 27 31.94 0.72 -14.85
N ASN A 28 31.61 -0.54 -14.55
CA ASN A 28 31.77 -1.06 -13.19
C ASN A 28 32.73 -2.24 -13.16
N VAL A 29 32.27 -3.42 -13.59
CA VAL A 29 33.15 -4.59 -13.54
C VAL A 29 34.30 -4.43 -14.52
N GLY A 30 34.06 -3.79 -15.67
CA GLY A 30 35.14 -3.51 -16.60
C GLY A 30 36.23 -2.65 -16.02
N ASN A 31 35.93 -1.89 -14.97
CA ASN A 31 36.93 -1.04 -14.33
C ASN A 31 38.04 -1.84 -13.68
N GLY A 32 37.91 -3.16 -13.61
CA GLY A 32 39.02 -4.01 -13.20
C GLY A 32 39.38 -3.93 -11.74
N TYR A 33 38.40 -3.75 -10.86
CA TYR A 33 38.66 -3.75 -9.42
C TYR A 33 37.38 -4.20 -8.71
N VAL A 34 37.15 -5.51 -8.73
CA VAL A 34 35.97 -6.12 -8.13
C VAL A 34 36.33 -6.62 -6.74
N SER A 35 35.33 -6.62 -5.86
CA SER A 35 35.50 -7.07 -4.48
C SER A 35 34.43 -8.10 -4.14
N TRP A 36 34.76 -9.01 -3.23
CA TRP A 36 33.88 -10.10 -2.84
C TRP A 36 33.76 -10.16 -1.33
N TYR A 37 32.54 -10.37 -0.84
CA TYR A 37 32.25 -10.38 0.59
C TYR A 37 31.40 -11.59 0.95
N GLN A 38 31.56 -12.06 2.18
CA GLN A 38 30.86 -13.24 2.68
C GLN A 38 29.97 -12.84 3.84
N LEU A 39 28.70 -13.24 3.79
CA LEU A 39 27.73 -12.95 4.83
C LEU A 39 27.21 -14.28 5.41
N ILE A 40 27.64 -14.61 6.62
CA ILE A 40 27.06 -15.70 7.39
C ILE A 40 26.03 -15.10 8.34
N PRO A 41 24.81 -15.64 8.40
CA PRO A 41 23.80 -15.05 9.29
C PRO A 41 24.30 -14.97 10.73
N GLY A 42 23.95 -13.86 11.39
CA GLY A 42 24.38 -13.65 12.75
C GLY A 42 25.85 -13.29 12.89
N SER A 43 26.51 -12.93 11.81
CA SER A 43 27.90 -12.49 11.84
C SER A 43 28.03 -11.27 10.95
N ALA A 44 28.96 -10.39 11.33
CA ALA A 44 29.23 -9.22 10.51
C ALA A 44 29.73 -9.66 9.14
N PRO A 45 29.28 -9.04 8.05
CA PRO A 45 29.81 -9.41 6.73
C PRO A 45 31.34 -9.42 6.72
N ARG A 46 31.89 -10.32 5.92
CA ARG A 46 33.32 -10.59 5.89
C ARG A 46 33.85 -10.25 4.51
N THR A 47 34.88 -9.41 4.46
CA THR A 47 35.55 -9.10 3.20
C THR A 47 36.46 -10.25 2.82
N LEU A 48 36.31 -10.73 1.58
CA LEU A 48 37.08 -11.87 1.08
C LEU A 48 38.15 -11.45 0.09
N ILE A 49 37.75 -10.83 -1.01
CA ILE A 49 38.65 -10.46 -2.10
C ILE A 49 38.46 -8.98 -2.39
N TYR A 50 39.56 -8.25 -2.58
CA TYR A 50 39.48 -6.82 -2.88
C TYR A 50 40.11 -6.48 -4.23
N GLY A 51 41.38 -6.80 -4.44
CA GLY A 51 42.06 -6.37 -5.65
C GLY A 51 41.79 -7.24 -6.86
N ASP A 52 40.52 -7.56 -7.12
CA ASP A 52 40.15 -8.44 -8.23
C ASP A 52 40.62 -9.86 -7.97
N THR A 53 41.85 -10.02 -7.50
CA THR A 53 42.41 -11.32 -7.16
C THR A 53 43.01 -11.40 -5.77
N SER A 54 43.34 -10.28 -5.14
CA SER A 54 44.10 -10.29 -3.90
C SER A 54 43.20 -10.63 -2.72
N ARG A 55 43.73 -11.46 -1.82
CA ARG A 55 43.01 -11.89 -0.64
C ARG A 55 43.19 -10.89 0.50
N ALA A 56 42.10 -10.64 1.23
CA ALA A 56 42.18 -9.79 2.41
C ALA A 56 42.90 -10.53 3.53
N SER A 57 42.99 -9.88 4.69
CA SER A 57 43.66 -10.47 5.83
C SER A 57 42.77 -11.53 6.49
N GLY A 58 43.38 -12.66 6.82
CA GLY A 58 42.67 -13.76 7.45
C GLY A 58 41.94 -14.68 6.49
N VAL A 59 41.99 -14.42 5.19
CA VAL A 59 41.25 -15.24 4.23
C VAL A 59 42.08 -16.47 3.88
N PRO A 60 41.52 -17.67 3.94
CA PRO A 60 42.27 -18.85 3.52
C PRO A 60 42.48 -18.87 2.02
N ASP A 61 43.41 -19.71 1.59
CA ASP A 61 43.84 -19.74 0.21
C ASP A 61 42.87 -20.46 -0.72
N ARG A 62 41.92 -21.24 -0.17
CA ARG A 62 40.93 -21.89 -1.01
C ARG A 62 40.03 -20.87 -1.71
N PHE A 63 39.90 -19.67 -1.15
CA PHE A 63 39.22 -18.58 -1.83
C PHE A 63 40.16 -17.97 -2.88
N SER A 64 39.60 -17.64 -4.04
CA SER A 64 40.40 -17.05 -5.10
C SER A 64 39.49 -16.24 -6.02
N GLY A 65 40.03 -15.16 -6.56
CA GLY A 65 39.29 -14.28 -7.43
C GLY A 65 39.91 -14.19 -8.81
N SER A 66 39.08 -13.87 -9.80
CA SER A 66 39.53 -13.70 -11.17
C SER A 66 38.55 -12.80 -11.88
N ARG A 67 38.89 -12.40 -13.11
CA ARG A 67 38.00 -11.58 -13.91
C ARG A 67 38.32 -11.80 -15.38
N SER A 68 37.28 -11.80 -16.21
CA SER A 68 37.40 -11.93 -17.66
C SER A 68 36.48 -10.88 -18.28
N GLY A 69 37.04 -9.73 -18.64
CA GLY A 69 36.25 -8.65 -19.19
C GLY A 69 35.28 -8.07 -18.20
N ASN A 70 33.98 -8.23 -18.45
CA ASN A 70 32.93 -7.69 -17.59
C ASN A 70 32.25 -8.78 -16.77
N THR A 71 32.99 -9.81 -16.38
CA THR A 71 32.46 -10.88 -15.55
C THR A 71 33.55 -11.33 -14.59
N ALA A 72 33.39 -11.02 -13.31
CA ALA A 72 34.29 -11.52 -12.28
C ALA A 72 33.95 -12.97 -11.96
N THR A 73 34.67 -13.54 -11.00
CA THR A 73 34.41 -14.91 -10.58
C THR A 73 35.06 -15.16 -9.23
N LEU A 74 34.28 -15.68 -8.29
CA LEU A 74 34.80 -16.17 -7.01
C LEU A 74 34.86 -17.68 -7.07
N THR A 75 35.98 -18.25 -6.63
CA THR A 75 36.24 -19.68 -6.76
C THR A 75 36.71 -20.23 -5.43
N ILE A 76 35.97 -21.20 -4.90
CA ILE A 76 36.37 -21.95 -3.71
C ILE A 76 36.86 -23.31 -4.16
N SER A 77 38.12 -23.62 -3.84
CA SER A 77 38.73 -24.85 -4.35
C SER A 77 38.13 -26.08 -3.69
N SER A 78 38.28 -26.21 -2.36
CA SER A 78 37.72 -27.32 -1.61
C SER A 78 36.66 -26.74 -0.66
N LEU A 79 35.39 -26.97 -0.99
CA LEU A 79 34.29 -26.44 -0.21
C LEU A 79 34.25 -27.09 1.18
N GLN A 80 34.06 -26.25 2.19
CA GLN A 80 33.89 -26.70 3.56
C GLN A 80 32.44 -26.48 3.98
N ALA A 81 32.10 -26.90 5.20
CA ALA A 81 30.77 -26.65 5.73
C ALA A 81 30.63 -25.20 6.21
N GLU A 82 31.70 -24.66 6.79
CA GLU A 82 31.70 -23.26 7.20
C GLU A 82 31.57 -22.29 6.04
N ASP A 83 31.67 -22.78 4.80
CA ASP A 83 31.55 -21.93 3.63
C ASP A 83 30.12 -21.75 3.16
N GLU A 84 29.15 -22.36 3.84
CA GLU A 84 27.75 -22.18 3.50
C GLU A 84 27.32 -20.77 3.90
N ALA A 85 26.91 -19.96 2.92
CA ALA A 85 26.57 -18.57 3.18
C ALA A 85 26.15 -17.82 1.93
N ASP A 86 25.96 -16.51 2.06
CA ASP A 86 25.69 -15.63 0.93
C ASP A 86 26.96 -14.91 0.52
N TYR A 87 27.08 -14.60 -0.77
CA TYR A 87 28.29 -14.02 -1.32
C TYR A 87 27.93 -12.91 -2.28
N PHE A 88 28.51 -11.72 -2.04
CA PHE A 88 28.22 -10.53 -2.81
C PHE A 88 29.49 -9.98 -3.43
N CYS A 89 29.42 -9.62 -4.70
CA CYS A 89 30.48 -8.88 -5.38
C CYS A 89 30.13 -7.39 -5.36
N ALA A 90 31.14 -6.56 -5.60
CA ALA A 90 30.94 -5.12 -5.58
C ALA A 90 32.00 -4.45 -6.44
N SER A 91 31.60 -3.39 -7.13
CA SER A 91 32.50 -2.62 -7.96
C SER A 91 32.08 -1.15 -7.94
N ALA A 92 33.06 -0.26 -8.09
CA ALA A 92 32.77 1.15 -8.25
C ALA A 92 32.34 1.45 -9.67
N GLU A 93 31.49 2.45 -9.83
CA GLU A 93 31.01 2.88 -11.13
C GLU A 93 31.16 4.38 -11.26
N ASP A 94 31.98 4.82 -12.22
CA ASP A 94 32.13 6.23 -12.57
C ASP A 94 32.79 7.07 -11.48
N SER A 95 32.88 6.53 -10.27
CA SER A 95 33.57 7.21 -9.18
C SER A 95 33.78 6.22 -8.05
N SER A 96 34.79 6.51 -7.22
CA SER A 96 35.11 5.63 -6.11
C SER A 96 34.06 5.71 -5.00
N SER A 97 33.28 6.78 -4.95
CA SER A 97 32.25 6.93 -3.93
C SER A 97 30.90 6.33 -4.36
N ASN A 98 30.76 5.95 -5.63
CA ASN A 98 29.58 5.24 -6.11
C ASN A 98 29.96 3.77 -6.26
N ALA A 99 29.43 2.93 -5.36
CA ALA A 99 29.65 1.49 -5.40
C ALA A 99 28.35 0.79 -5.76
N VAL A 100 28.45 -0.26 -6.58
CA VAL A 100 27.32 -1.13 -6.90
C VAL A 100 27.62 -2.53 -6.34
N PHE A 101 26.60 -3.17 -5.80
CA PHE A 101 26.69 -4.54 -5.32
C PHE A 101 25.95 -5.46 -6.28
N GLY A 102 26.22 -6.75 -6.15
CA GLY A 102 25.56 -7.75 -6.96
C GLY A 102 24.32 -8.31 -6.30
N SER A 103 23.47 -8.94 -7.12
CA SER A 103 22.21 -9.47 -6.62
C SER A 103 22.41 -10.45 -5.46
N GLY A 104 23.58 -11.04 -5.33
CA GLY A 104 23.85 -12.00 -4.29
C GLY A 104 23.67 -13.43 -4.78
N THR A 105 24.37 -14.35 -4.10
CA THR A 105 24.27 -15.76 -4.40
C THR A 105 24.31 -16.54 -3.09
N THR A 106 23.34 -17.43 -2.91
CA THR A 106 23.27 -18.28 -1.72
C THR A 106 23.97 -19.60 -2.01
N LEU A 107 25.07 -19.85 -1.30
CA LEU A 107 25.86 -21.06 -1.52
C LEU A 107 25.42 -22.15 -0.54
N THR A 108 25.10 -23.31 -1.08
CA THR A 108 24.64 -24.45 -0.30
C THR A 108 25.73 -25.52 -0.29
N VAL A 109 26.06 -26.02 0.90
CA VAL A 109 27.09 -27.04 1.06
C VAL A 109 26.38 -28.37 1.29
N LEU A 110 26.27 -29.17 0.23
CA LEU A 110 25.63 -30.47 0.32
C LEU A 110 26.62 -31.50 0.85
N GLY A 111 26.11 -32.70 1.10
CA GLY A 111 26.93 -33.80 1.57
C GLY A 111 26.88 -34.06 3.06
N GLN A 112 26.12 -33.28 3.82
CA GLN A 112 26.02 -33.53 5.24
C GLN A 112 25.32 -34.86 5.50
N PRO A 113 25.59 -35.49 6.63
CA PRO A 113 24.85 -36.72 6.97
C PRO A 113 23.38 -36.43 7.20
N LYS A 114 22.53 -37.34 6.72
CA LYS A 114 21.11 -37.29 7.07
C LYS A 114 20.96 -37.40 8.58
N ALA A 115 19.97 -36.70 9.11
CA ALA A 115 19.70 -36.73 10.55
C ALA A 115 18.19 -36.62 10.77
N ALA A 116 17.71 -37.28 11.81
CA ALA A 116 16.27 -37.26 12.08
C ALA A 116 15.95 -36.26 13.18
N PRO A 117 14.84 -35.54 13.05
CA PRO A 117 14.55 -34.49 14.03
C PRO A 117 14.16 -35.04 15.39
N SER A 118 14.58 -34.33 16.44
CA SER A 118 14.05 -34.52 17.79
C SER A 118 13.02 -33.41 18.02
N VAL A 119 11.80 -33.81 18.34
CA VAL A 119 10.68 -32.89 18.46
C VAL A 119 10.26 -32.78 19.92
N THR A 120 9.93 -31.57 20.35
CA THR A 120 9.35 -31.33 21.67
C THR A 120 8.19 -30.37 21.50
N LEU A 121 7.12 -30.60 22.27
CA LEU A 121 5.93 -29.76 22.25
C LEU A 121 5.70 -29.22 23.65
N PHE A 122 5.58 -27.90 23.75
CA PHE A 122 5.37 -27.24 25.04
C PHE A 122 3.94 -26.74 25.11
N PRO A 123 3.19 -27.05 26.17
CA PRO A 123 1.86 -26.49 26.34
C PRO A 123 1.96 -25.05 26.82
N PRO A 124 0.87 -24.29 26.74
CA PRO A 124 0.86 -22.96 27.37
C PRO A 124 1.31 -23.04 28.82
N SER A 125 2.09 -22.06 29.24
CA SER A 125 2.57 -22.01 30.62
C SER A 125 1.52 -21.39 31.53
N SER A 126 1.73 -21.54 32.83
CA SER A 126 0.90 -20.84 33.80
C SER A 126 0.93 -19.34 33.54
N GLU A 127 2.13 -18.76 33.45
CA GLU A 127 2.28 -17.34 33.20
C GLU A 127 1.47 -16.91 31.98
N GLU A 128 1.68 -17.57 30.85
CA GLU A 128 0.97 -17.16 29.64
C GLU A 128 -0.53 -17.36 29.78
N LEU A 129 -0.95 -18.35 30.57
CA LEU A 129 -2.38 -18.57 30.76
C LEU A 129 -2.99 -17.52 31.68
N GLN A 130 -2.33 -17.26 32.82
CA GLN A 130 -2.82 -16.23 33.75
C GLN A 130 -2.81 -14.84 33.15
N ALA A 131 -2.34 -14.69 31.91
CA ALA A 131 -2.44 -13.46 31.16
C ALA A 131 -3.43 -13.57 30.01
N ASN A 132 -4.25 -14.62 30.00
CA ASN A 132 -5.36 -14.74 29.05
C ASN A 132 -4.89 -15.11 27.65
N LYS A 133 -3.78 -15.84 27.56
CA LYS A 133 -3.27 -16.31 26.27
C LYS A 133 -2.75 -17.72 26.42
N ALA A 134 -2.74 -18.44 25.29
CA ALA A 134 -2.23 -19.81 25.23
C ALA A 134 -1.51 -19.99 23.91
N THR A 135 -0.26 -20.46 23.98
CA THR A 135 0.55 -20.70 22.79
C THR A 135 1.28 -22.03 22.95
N LEU A 136 1.04 -22.95 22.03
CA LEU A 136 1.77 -24.22 22.00
C LEU A 136 2.99 -24.07 21.10
N VAL A 137 4.14 -24.52 21.61
CA VAL A 137 5.44 -24.27 20.98
C VAL A 137 6.05 -25.61 20.59
N CYS A 138 6.07 -25.90 19.29
CA CYS A 138 6.68 -27.13 18.76
C CYS A 138 8.06 -26.78 18.22
N LEU A 139 9.08 -27.33 18.85
CA LEU A 139 10.48 -27.06 18.49
C LEU A 139 11.10 -28.30 17.86
N ILE A 140 11.76 -28.11 16.72
CA ILE A 140 12.24 -29.19 15.86
C ILE A 140 13.71 -28.93 15.58
N SER A 141 14.57 -29.89 15.93
CA SER A 141 16.00 -29.64 15.92
C SER A 141 16.78 -30.86 15.44
N ASP A 142 18.03 -30.60 15.03
CA ASP A 142 19.02 -31.64 14.74
C ASP A 142 18.54 -32.58 13.64
N PHE A 143 18.10 -32.01 12.52
CA PHE A 143 17.70 -32.79 11.37
C PHE A 143 18.35 -32.25 10.11
N TYR A 144 18.51 -33.14 9.11
CA TYR A 144 19.02 -32.81 7.81
C TYR A 144 18.37 -33.78 6.83
N PRO A 145 17.94 -33.32 5.64
CA PRO A 145 18.00 -31.97 5.10
C PRO A 145 17.01 -31.00 5.74
N GLY A 146 17.08 -29.73 5.32
CA GLY A 146 16.24 -28.70 5.89
C GLY A 146 14.91 -28.53 5.17
N ALA A 147 14.04 -29.54 5.30
CA ALA A 147 12.71 -29.47 4.70
C ALA A 147 11.80 -30.40 5.51
N VAL A 148 11.01 -29.81 6.41
CA VAL A 148 10.05 -30.55 7.22
C VAL A 148 8.66 -30.05 6.91
N THR A 149 7.68 -30.88 7.25
CA THR A 149 6.27 -30.51 7.19
C THR A 149 5.68 -30.65 8.59
N VAL A 150 5.05 -29.58 9.08
CA VAL A 150 4.46 -29.54 10.41
C VAL A 150 2.95 -29.49 10.27
N ALA A 151 2.26 -30.34 11.01
CA ALA A 151 0.81 -30.38 11.02
C ALA A 151 0.31 -30.30 12.45
N TRP A 152 -0.75 -29.53 12.66
CA TRP A 152 -1.36 -29.36 13.96
C TRP A 152 -2.74 -30.03 13.98
N LYS A 153 -2.99 -30.81 15.03
CA LYS A 153 -4.26 -31.51 15.19
C LYS A 153 -4.82 -31.20 16.57
N ALA A 154 -6.12 -30.94 16.62
CA ALA A 154 -6.86 -30.77 17.87
C ALA A 154 -7.86 -31.92 17.97
N ASP A 155 -7.61 -32.84 18.91
CA ASP A 155 -8.38 -34.08 18.99
C ASP A 155 -8.37 -34.81 17.65
N SER A 156 -7.20 -34.86 17.02
CA SER A 156 -6.96 -35.57 15.78
C SER A 156 -7.69 -34.94 14.59
N SER A 157 -8.13 -33.70 14.70
CA SER A 157 -8.76 -32.98 13.60
C SER A 157 -7.90 -31.80 13.17
N PRO A 158 -8.03 -31.34 11.93
CA PRO A 158 -7.09 -30.35 11.40
C PRO A 158 -7.26 -28.99 12.05
N VAL A 159 -6.12 -28.37 12.36
CA VAL A 159 -6.07 -26.97 12.80
C VAL A 159 -5.77 -26.12 11.56
N LYS A 160 -6.77 -25.36 11.11
CA LYS A 160 -6.65 -24.58 9.89
C LYS A 160 -6.30 -23.12 10.14
N ALA A 161 -5.97 -22.75 11.38
CA ALA A 161 -5.72 -21.36 11.69
C ALA A 161 -4.92 -21.25 12.98
N GLY A 162 -4.28 -20.09 13.15
CA GLY A 162 -3.50 -19.84 14.34
C GLY A 162 -2.08 -20.36 14.31
N VAL A 163 -1.55 -20.65 13.13
CA VAL A 163 -0.24 -21.28 12.99
C VAL A 163 0.71 -20.33 12.28
N GLU A 164 1.86 -20.07 12.91
CA GLU A 164 2.96 -19.34 12.30
C GLU A 164 4.20 -20.22 12.41
N THR A 165 4.84 -20.47 11.26
CA THR A 165 5.94 -21.43 11.19
C THR A 165 7.17 -20.78 10.57
N THR A 166 8.32 -21.01 11.18
CA THR A 166 9.57 -20.49 10.67
C THR A 166 10.14 -21.42 9.59
N THR A 167 10.92 -20.84 8.68
CA THR A 167 11.72 -21.63 7.75
C THR A 167 12.92 -22.21 8.50
N PRO A 168 13.33 -23.45 8.19
CA PRO A 168 14.43 -24.04 8.94
C PRO A 168 15.72 -23.28 8.74
N SER A 169 16.53 -23.23 9.79
CA SER A 169 17.79 -22.52 9.79
C SER A 169 18.81 -23.33 10.58
N LYS A 170 20.07 -23.23 10.18
CA LYS A 170 21.13 -24.00 10.80
C LYS A 170 21.26 -23.64 12.28
N GLN A 171 21.98 -24.51 13.00
CA GLN A 171 22.40 -24.21 14.36
C GLN A 171 23.92 -24.41 14.45
N SER A 172 24.48 -24.30 15.66
CA SER A 172 25.93 -24.32 15.80
C SER A 172 26.56 -25.59 15.26
N ASN A 173 25.82 -26.69 15.16
CA ASN A 173 26.35 -27.97 14.69
C ASN A 173 26.02 -28.23 13.23
N ASN A 174 25.66 -27.21 12.47
CA ASN A 174 25.38 -27.27 11.04
C ASN A 174 24.12 -28.06 10.72
N LYS A 175 23.42 -28.59 11.71
CA LYS A 175 22.13 -29.21 11.45
C LYS A 175 21.04 -28.16 11.43
N TYR A 176 19.91 -28.51 10.85
CA TYR A 176 18.79 -27.58 10.76
C TYR A 176 17.93 -27.63 12.02
N ALA A 177 17.11 -26.59 12.17
CA ALA A 177 16.17 -26.47 13.27
C ALA A 177 15.02 -25.59 12.80
N ALA A 178 13.84 -25.84 13.36
CA ALA A 178 12.66 -25.07 12.98
C ALA A 178 11.69 -25.05 14.15
N SER A 179 10.62 -24.27 13.99
CA SER A 179 9.69 -24.02 15.07
C SER A 179 8.33 -23.69 14.49
N SER A 180 7.27 -24.21 15.12
CA SER A 180 5.91 -23.91 14.76
C SER A 180 5.14 -23.53 16.01
N TYR A 181 4.22 -22.58 15.86
CA TYR A 181 3.45 -22.06 16.98
C TYR A 181 1.96 -22.18 16.70
N LEU A 182 1.20 -22.54 17.73
CA LEU A 182 -0.26 -22.49 17.70
C LEU A 182 -0.70 -21.51 18.77
N SER A 183 -1.38 -20.44 18.35
CA SER A 183 -1.79 -19.37 19.25
C SER A 183 -3.28 -19.52 19.54
N LEU A 184 -3.62 -19.79 20.79
CA LEU A 184 -4.98 -20.08 21.18
C LEU A 184 -5.40 -19.18 22.33
N THR A 185 -6.73 -19.04 22.48
CA THR A 185 -7.29 -18.48 23.69
C THR A 185 -7.29 -19.55 24.79
N PRO A 186 -7.19 -19.17 26.06
CA PRO A 186 -7.25 -20.19 27.12
C PRO A 186 -8.53 -21.00 27.10
N GLU A 187 -9.56 -20.55 26.38
CA GLU A 187 -10.78 -21.32 26.23
C GLU A 187 -10.65 -22.39 25.17
N GLN A 188 -9.90 -22.12 24.10
CA GLN A 188 -9.64 -23.16 23.10
C GLN A 188 -8.66 -24.20 23.62
N TRP A 189 -7.76 -23.80 24.51
CA TRP A 189 -6.86 -24.75 25.16
C TRP A 189 -7.64 -25.79 25.96
N LYS A 190 -8.42 -25.34 26.94
CA LYS A 190 -9.22 -26.24 27.75
C LYS A 190 -10.35 -26.90 26.97
N SER A 191 -10.67 -26.42 25.77
CA SER A 191 -11.79 -26.97 25.02
C SER A 191 -11.53 -28.43 24.63
N HIS A 192 -10.37 -28.71 24.04
CA HIS A 192 -10.09 -30.01 23.47
C HIS A 192 -9.36 -30.91 24.47
N ARG A 193 -9.37 -32.21 24.16
CA ARG A 193 -8.77 -33.19 25.05
C ARG A 193 -7.26 -33.27 24.88
N SER A 194 -6.77 -33.07 23.65
CA SER A 194 -5.34 -33.11 23.39
C SER A 194 -5.05 -32.38 22.08
N TYR A 195 -3.81 -31.92 21.97
CA TYR A 195 -3.30 -31.31 20.75
C TYR A 195 -2.07 -32.08 20.30
N SER A 196 -1.77 -32.00 19.00
CA SER A 196 -0.70 -32.77 18.41
C SER A 196 0.07 -31.98 17.37
N CYS A 197 1.40 -31.98 17.51
CA CYS A 197 2.31 -31.47 16.49
C CYS A 197 2.92 -32.67 15.77
N GLN A 198 2.76 -32.72 14.45
CA GLN A 198 3.19 -33.86 13.64
C GLN A 198 4.26 -33.40 12.66
N VAL A 199 5.47 -33.94 12.81
CA VAL A 199 6.63 -33.51 12.04
C VAL A 199 6.99 -34.63 11.08
N THR A 200 6.79 -34.39 9.78
CA THR A 200 7.13 -35.36 8.74
C THR A 200 8.48 -34.99 8.13
N HIS A 201 9.49 -35.83 8.37
CA HIS A 201 10.81 -35.63 7.81
C HIS A 201 11.36 -36.95 7.31
N GLU A 202 11.55 -37.05 5.99
CA GLU A 202 12.14 -38.22 5.36
C GLU A 202 11.30 -39.47 5.63
N GLY A 203 10.05 -39.43 5.14
CA GLY A 203 9.16 -40.56 5.21
C GLY A 203 8.65 -40.93 6.59
N SER A 204 9.20 -40.36 7.65
CA SER A 204 8.71 -40.58 9.00
C SER A 204 7.84 -39.39 9.43
N THR A 205 6.98 -39.65 10.41
CA THR A 205 6.19 -38.61 11.06
C THR A 205 6.29 -38.80 12.56
N VAL A 206 6.85 -37.82 13.26
CA VAL A 206 6.90 -37.82 14.71
C VAL A 206 5.78 -36.93 15.22
N GLU A 207 4.89 -37.50 16.04
CA GLU A 207 3.78 -36.76 16.64
C GLU A 207 4.03 -36.66 18.14
N LYS A 208 4.13 -35.43 18.62
CA LYS A 208 4.14 -35.15 20.06
C LYS A 208 2.76 -34.64 20.47
N THR A 209 2.27 -35.15 21.61
CA THR A 209 0.93 -34.85 22.09
C THR A 209 1.01 -34.17 23.44
N VAL A 210 0.10 -33.23 23.68
CA VAL A 210 0.06 -32.47 24.92
C VAL A 210 -1.41 -32.24 25.28
N ALA A 211 -1.74 -32.43 26.55
CA ALA A 211 -3.12 -32.41 27.00
C ALA A 211 -3.36 -31.35 28.05
N PRO A 212 -4.51 -30.65 27.98
CA PRO A 212 -4.81 -29.64 29.02
C PRO A 212 -5.09 -30.27 30.37
N THR A 213 -5.65 -31.48 30.39
CA THR A 213 -6.00 -32.13 31.65
C THR A 213 -4.87 -32.01 32.66
N GLU A 214 -3.70 -32.53 32.32
CA GLU A 214 -2.48 -32.29 33.06
C GLU A 214 -1.33 -32.26 32.06
N CYS A 215 -0.17 -31.83 32.55
CA CYS A 215 1.08 -31.85 31.80
C CYS A 215 1.04 -32.49 30.43
N VAL B 2 40.53 -2.80 15.76
CA VAL B 2 39.67 -1.99 14.90
C VAL B 2 38.23 -2.49 15.00
N GLN B 3 37.31 -1.59 15.34
CA GLN B 3 35.91 -1.96 15.53
C GLN B 3 35.01 -0.78 15.22
N LEU B 4 33.80 -1.08 14.78
CA LEU B 4 32.81 -0.09 14.39
C LEU B 4 31.48 -0.46 15.03
N ARG B 5 30.92 0.45 15.80
CA ARG B 5 29.70 0.19 16.57
C ARG B 5 28.64 1.21 16.21
N GLU B 6 27.55 0.72 15.61
CA GLU B 6 26.43 1.58 15.24
C GLU B 6 25.54 1.85 16.45
N SER B 7 24.98 3.06 16.51
CA SER B 7 24.06 3.44 17.57
C SER B 7 22.98 4.33 16.98
N GLY B 8 21.81 4.30 17.60
CA GLY B 8 20.69 5.10 17.16
C GLY B 8 19.36 4.43 17.40
N PRO B 9 18.31 4.96 16.80
CA PRO B 9 16.98 4.36 16.98
C PRO B 9 16.79 3.11 16.16
N SER B 10 15.98 2.19 16.71
CA SER B 10 15.61 0.96 16.01
C SER B 10 14.28 1.08 15.28
N LEU B 11 13.51 2.13 15.54
CA LEU B 11 12.24 2.37 14.89
C LEU B 11 12.16 3.84 14.49
N VAL B 12 11.56 4.09 13.32
CA VAL B 12 11.44 5.44 12.79
C VAL B 12 10.16 5.53 11.99
N LYS B 13 9.32 6.51 12.31
CA LYS B 13 8.04 6.66 11.63
C LYS B 13 8.26 7.17 10.20
N PRO B 14 7.34 6.84 9.29
CA PRO B 14 7.49 7.33 7.92
C PRO B 14 7.55 8.85 7.85
N SER B 15 8.17 9.33 6.77
CA SER B 15 8.28 10.76 6.47
C SER B 15 9.22 11.48 7.41
N GLN B 16 9.67 10.81 8.47
CA GLN B 16 10.61 11.42 9.41
C GLN B 16 12.04 11.24 8.88
N THR B 17 13.03 11.38 9.76
CA THR B 17 14.43 11.33 9.38
C THR B 17 15.16 10.34 10.29
N LEU B 18 15.76 9.31 9.69
CA LEU B 18 16.56 8.35 10.44
C LEU B 18 17.98 8.89 10.61
N SER B 19 18.53 8.73 11.80
CA SER B 19 19.86 9.23 12.11
C SER B 19 20.61 8.20 12.95
N LEU B 20 21.79 7.80 12.47
CA LEU B 20 22.65 6.87 13.17
C LEU B 20 24.02 7.50 13.41
N THR B 21 24.77 6.93 14.34
CA THR B 21 26.13 7.37 14.61
C THR B 21 27.01 6.16 14.85
N CYS B 22 28.15 6.11 14.15
CA CYS B 22 29.10 5.01 14.26
C CYS B 22 30.32 5.51 15.05
N THR B 23 30.61 4.85 16.16
CA THR B 23 31.77 5.18 16.99
C THR B 23 32.90 4.22 16.69
N THR B 24 34.07 4.76 16.37
CA THR B 24 35.20 4.00 15.87
C THR B 24 36.29 3.88 16.93
N SER B 25 37.00 2.76 16.90
CA SER B 25 38.12 2.54 17.80
C SER B 25 39.12 1.61 17.12
N GLY B 26 40.27 1.44 17.75
CA GLY B 26 41.33 0.63 17.20
C GLY B 26 42.17 1.30 16.14
N PHE B 27 41.71 2.42 15.59
CA PHE B 27 42.48 3.17 14.60
C PHE B 27 42.20 4.65 14.82
N SER B 28 42.75 5.48 13.93
CA SER B 28 42.59 6.93 14.01
C SER B 28 41.76 7.39 12.81
N LEU B 29 40.60 7.98 13.11
CA LEU B 29 39.67 8.37 12.05
C LEU B 29 40.29 9.31 11.04
N SER B 30 41.41 9.95 11.38
CA SER B 30 42.12 10.82 10.45
C SER B 30 42.95 10.04 9.44
N ASP B 31 42.90 8.71 9.45
CA ASP B 31 43.71 7.90 8.56
C ASP B 31 42.90 6.89 7.76
N LYS B 32 41.57 6.93 7.85
CA LYS B 32 40.74 6.00 7.11
C LYS B 32 39.45 6.67 6.67
N THR B 33 38.93 6.21 5.53
CA THR B 33 37.60 6.58 5.09
C THR B 33 36.57 5.68 5.75
N VAL B 34 35.39 6.23 6.02
CA VAL B 34 34.30 5.51 6.64
C VAL B 34 33.04 5.70 5.81
N GLY B 35 32.18 4.67 5.82
CA GLY B 35 30.97 4.68 5.02
C GLY B 35 29.86 3.92 5.71
N TRP B 36 28.74 3.80 5.00
CA TRP B 36 27.56 3.13 5.52
C TRP B 36 26.97 2.24 4.43
N VAL B 37 26.84 0.95 4.73
CA VAL B 37 26.15 0.01 3.87
C VAL B 37 24.88 -0.43 4.58
N ARG B 38 23.83 -0.70 3.79
CA ARG B 38 22.59 -1.22 4.35
C ARG B 38 22.09 -2.37 3.50
N GLN B 39 21.34 -3.28 4.12
CA GLN B 39 20.77 -4.42 3.44
C GLN B 39 19.34 -4.62 3.90
N ALA B 40 18.39 -4.49 2.98
CA ALA B 40 17.00 -4.80 3.30
C ALA B 40 16.81 -6.31 3.38
N PRO B 41 15.93 -6.78 4.27
CA PRO B 41 15.75 -8.23 4.42
C PRO B 41 15.46 -8.90 3.09
N GLY B 42 16.22 -9.96 2.81
CA GLY B 42 16.06 -10.70 1.57
C GLY B 42 16.50 -9.98 0.32
N LYS B 43 16.98 -8.75 0.43
CA LYS B 43 17.47 -7.99 -0.70
C LYS B 43 18.99 -7.88 -0.64
N ALA B 44 19.57 -7.35 -1.71
CA ALA B 44 21.01 -7.26 -1.83
C ALA B 44 21.56 -6.06 -1.05
N LEU B 45 22.88 -6.07 -0.86
CA LEU B 45 23.55 -4.94 -0.25
C LEU B 45 23.31 -3.67 -1.07
N GLU B 46 23.23 -2.54 -0.37
CA GLU B 46 23.11 -1.24 -1.02
C GLU B 46 24.12 -0.27 -0.41
N TRP B 47 24.73 0.54 -1.26
CA TRP B 47 25.72 1.51 -0.84
C TRP B 47 25.03 2.84 -0.55
N LEU B 48 25.40 3.45 0.58
CA LEU B 48 24.86 4.76 0.93
C LEU B 48 25.87 5.87 0.60
N GLY B 49 26.88 6.02 1.46
CA GLY B 49 27.86 7.07 1.25
C GLY B 49 29.03 6.90 2.18
N SER B 50 29.99 7.82 2.04
CA SER B 50 31.21 7.78 2.82
C SER B 50 31.75 9.20 2.98
N THR B 51 32.72 9.35 3.88
CA THR B 51 33.42 10.61 4.09
C THR B 51 34.88 10.28 4.37
N ASP B 52 35.78 10.84 3.57
CA ASP B 52 37.17 10.41 3.57
C ASP B 52 38.02 11.28 4.50
N THR B 53 39.34 11.08 4.45
CA THR B 53 40.24 11.80 5.35
C THR B 53 40.11 13.30 5.17
N SER B 54 39.90 13.77 3.94
CA SER B 54 39.78 15.19 3.65
C SER B 54 38.36 15.71 3.86
N GLY B 55 37.57 15.05 4.70
CA GLY B 55 36.22 15.51 4.97
C GLY B 55 35.32 15.58 3.76
N ASN B 56 35.70 14.93 2.67
CA ASN B 56 34.90 14.94 1.45
C ASN B 56 33.95 13.75 1.45
N THR B 57 32.68 14.01 1.17
CA THR B 57 31.63 13.00 1.25
C THR B 57 31.09 12.69 -0.14
N GLY B 58 30.89 11.41 -0.41
CA GLY B 58 30.27 10.97 -1.65
C GLY B 58 29.11 10.04 -1.35
N TYR B 59 28.17 10.01 -2.29
CA TYR B 59 26.89 9.35 -2.05
C TYR B 59 26.50 8.47 -3.23
N ASN B 60 25.66 7.48 -2.94
CA ASN B 60 24.94 6.73 -3.95
C ASN B 60 24.15 7.70 -4.82
N PRO B 61 24.44 7.76 -6.13
CA PRO B 61 23.74 8.75 -6.97
C PRO B 61 22.22 8.69 -6.86
N GLY B 62 21.66 7.49 -6.76
CA GLY B 62 20.21 7.37 -6.65
C GLY B 62 19.64 7.79 -5.32
N LEU B 63 20.48 7.95 -4.30
CA LEU B 63 20.01 8.29 -2.96
C LEU B 63 20.71 9.53 -2.40
N LYS B 64 21.38 10.31 -3.25
CA LYS B 64 22.16 11.43 -2.72
C LYS B 64 21.28 12.52 -2.16
N SER B 65 20.15 12.81 -2.82
CA SER B 65 19.30 13.91 -2.39
C SER B 65 18.79 13.70 -0.98
N ARG B 66 18.69 12.46 -0.52
CA ARG B 66 18.10 12.15 0.78
C ARG B 66 19.13 11.83 1.85
N LEU B 67 20.42 11.84 1.53
CA LEU B 67 21.45 11.37 2.43
C LEU B 67 22.27 12.54 2.99
N SER B 68 22.81 12.32 4.18
CA SER B 68 23.68 13.30 4.84
C SER B 68 24.63 12.55 5.75
N ILE B 69 25.92 12.59 5.43
CA ILE B 69 26.97 11.97 6.23
C ILE B 69 27.92 13.04 6.70
N THR B 70 28.25 13.03 7.99
CA THR B 70 29.20 13.96 8.58
C THR B 70 30.19 13.16 9.41
N LYS B 71 31.12 13.86 10.06
CA LYS B 71 32.18 13.19 10.80
C LYS B 71 32.82 14.17 11.76
N ASP B 72 33.33 13.63 12.87
CA ASP B 72 34.09 14.40 13.86
C ASP B 72 35.32 13.57 14.21
N ASN B 73 36.46 13.94 13.62
CA ASN B 73 37.67 13.15 13.81
C ASN B 73 38.13 13.12 15.27
N SER B 74 37.71 14.10 16.08
CA SER B 74 38.11 14.11 17.48
C SER B 74 37.29 13.11 18.29
N LYS B 75 35.97 13.11 18.09
CA LYS B 75 35.09 12.20 18.82
C LYS B 75 35.12 10.78 18.27
N SER B 76 35.89 10.52 17.20
CA SER B 76 35.91 9.23 16.54
C SER B 76 34.49 8.71 16.30
N GLN B 77 33.78 9.46 15.47
CA GLN B 77 32.35 9.24 15.30
C GLN B 77 31.91 9.72 13.93
N VAL B 78 31.38 8.80 13.13
CA VAL B 78 30.73 9.13 11.85
C VAL B 78 29.23 9.10 12.06
N SER B 79 28.51 9.89 11.27
CA SER B 79 27.07 10.03 11.42
C SER B 79 26.39 9.92 10.07
N LEU B 80 25.21 9.29 10.06
CA LEU B 80 24.40 9.11 8.88
C LEU B 80 23.00 9.66 9.14
N SER B 81 22.35 10.14 8.08
CA SER B 81 21.00 10.68 8.19
C SER B 81 20.28 10.50 6.87
N VAL B 82 19.14 9.81 6.92
CA VAL B 82 18.28 9.59 5.76
C VAL B 82 16.97 10.33 6.00
N SER B 83 16.49 11.03 4.97
CA SER B 83 15.36 11.92 5.12
C SER B 83 14.11 11.33 4.50
N SER B 84 12.96 11.64 5.11
CA SER B 84 11.66 11.25 4.58
C SER B 84 11.61 9.75 4.28
N VAL B 85 11.98 8.96 5.29
CA VAL B 85 12.09 7.53 5.08
C VAL B 85 10.73 6.92 4.78
N SER B 86 10.76 5.74 4.15
CA SER B 86 9.58 4.92 3.93
C SER B 86 9.87 3.50 4.39
N THR B 87 8.93 2.58 4.17
CA THR B 87 9.18 1.18 4.51
C THR B 87 10.31 0.58 3.69
N ALA B 88 10.58 1.14 2.50
CA ALA B 88 11.71 0.68 1.70
C ALA B 88 13.04 0.94 2.39
N ASP B 89 13.08 1.86 3.35
CA ASP B 89 14.29 2.18 4.08
C ASP B 89 14.49 1.29 5.30
N SER B 90 13.59 0.34 5.54
CA SER B 90 13.85 -0.70 6.53
C SER B 90 15.03 -1.55 6.05
N ALA B 91 16.04 -1.69 6.91
CA ALA B 91 17.25 -2.40 6.53
C ALA B 91 18.18 -2.47 7.73
N THR B 92 19.17 -3.36 7.63
CA THR B 92 20.27 -3.41 8.58
C THR B 92 21.36 -2.47 8.10
N TYR B 93 21.76 -1.53 8.93
CA TYR B 93 22.71 -0.49 8.55
C TYR B 93 24.08 -0.82 9.14
N TYR B 94 25.05 -1.05 8.25
CA TYR B 94 26.40 -1.43 8.64
C TYR B 94 27.34 -0.23 8.50
N CYS B 95 28.17 -0.02 9.51
CA CYS B 95 29.25 0.96 9.45
C CYS B 95 30.52 0.25 9.01
N THR B 96 31.27 0.89 8.10
CA THR B 96 32.40 0.24 7.47
C THR B 96 33.55 1.22 7.29
N THR B 97 34.77 0.68 7.32
CA THR B 97 35.96 1.39 6.86
C THR B 97 36.20 1.03 5.41
N VAL B 98 36.19 2.02 4.53
CA VAL B 98 36.23 1.81 3.08
C VAL B 98 37.55 2.33 2.53
N ARG B 99 37.96 1.74 1.40
CA ARG B 99 39.20 2.10 0.71
C ARG B 99 38.82 2.62 -0.67
N GLN B 100 38.70 3.94 -0.80
CA GLN B 100 38.36 4.59 -2.05
C GLN B 100 39.60 5.21 -2.66
N GLN B 101 39.86 4.89 -3.93
CA GLN B 101 41.01 5.43 -4.65
C GLN B 101 40.61 5.69 -6.09
N THR B 102 40.72 6.95 -6.51
CA THR B 102 40.72 7.27 -7.92
C THR B 102 42.14 7.06 -8.45
N ARG B 103 42.30 6.15 -9.41
CA ARG B 103 43.60 5.69 -9.84
C ARG B 103 43.82 6.03 -11.31
N LYS B 104 44.93 6.72 -11.59
CA LYS B 104 45.34 7.05 -12.95
C LYS B 104 46.46 6.10 -13.36
N SER B 105 46.37 5.56 -14.57
CA SER B 105 47.38 4.65 -15.09
C SER B 105 47.64 4.97 -16.54
N CYS B 106 48.87 4.70 -16.99
CA CYS B 106 49.32 5.05 -18.32
C CYS B 106 49.62 3.81 -19.15
N PRO B 107 49.52 3.91 -20.48
CA PRO B 107 49.88 2.75 -21.32
C PRO B 107 51.28 2.24 -21.03
N ASP B 108 51.62 1.08 -21.59
CA ASP B 108 52.95 0.52 -21.36
C ASP B 108 53.99 1.39 -22.06
N GLY B 109 55.08 1.68 -21.35
CA GLY B 109 56.14 2.53 -21.84
C GLY B 109 56.00 3.99 -21.44
N TRP B 110 54.79 4.45 -21.18
CA TRP B 110 54.54 5.80 -20.70
C TRP B 110 54.55 5.82 -19.18
N THR B 111 54.63 7.03 -18.61
CA THR B 111 54.68 7.20 -17.17
C THR B 111 53.91 8.46 -16.78
N LEU B 112 53.34 8.42 -15.58
CA LEU B 112 52.58 9.55 -15.06
C LEU B 112 53.51 10.67 -14.62
N ALA B 113 52.96 11.90 -14.59
CA ALA B 113 53.74 13.05 -14.17
C ALA B 113 54.24 12.88 -12.74
N LYS B 114 53.40 12.33 -11.85
CA LYS B 114 53.79 12.16 -10.47
C LYS B 114 55.02 11.25 -10.34
N ASP B 115 55.07 10.18 -11.15
CA ASP B 115 56.20 9.27 -11.09
C ASP B 115 57.42 9.84 -11.80
N CYS B 116 57.22 10.66 -12.84
CA CYS B 116 58.34 11.37 -13.44
C CYS B 116 58.95 12.37 -12.46
N GLY B 117 58.15 12.87 -11.51
CA GLY B 117 58.60 13.87 -10.57
C GLY B 117 58.51 15.27 -11.13
N PHE B 118 57.34 15.62 -11.65
CA PHE B 118 57.14 16.88 -12.37
C PHE B 118 56.27 17.87 -11.63
N TYR B 119 55.12 17.44 -11.09
CA TYR B 119 54.24 18.34 -10.36
C TYR B 119 53.80 19.51 -11.24
N GLY B 120 53.37 20.60 -10.62
CA GLY B 120 52.97 21.77 -11.35
C GLY B 120 51.53 21.72 -11.80
N TYR B 121 51.24 22.50 -12.85
CA TYR B 121 49.89 22.55 -13.38
C TYR B 121 49.58 21.32 -14.24
N GLY B 122 50.56 20.83 -14.98
CA GLY B 122 50.36 19.66 -15.81
C GLY B 122 50.75 18.37 -15.11
N SER B 123 50.41 18.28 -13.83
CA SER B 123 50.76 17.13 -13.00
C SER B 123 49.80 15.96 -13.16
N GLU B 124 49.11 15.85 -14.31
CA GLU B 124 48.10 14.80 -14.45
C GLU B 124 48.17 14.11 -15.82
N ASP B 125 49.29 14.21 -16.51
CA ASP B 125 49.44 13.63 -17.83
C ASP B 125 50.43 12.47 -17.82
N CYS B 126 50.37 11.67 -18.88
CA CYS B 126 51.32 10.59 -19.10
C CYS B 126 52.42 11.08 -20.04
N TYR B 127 53.66 10.74 -19.73
CA TYR B 127 54.81 11.25 -20.46
C TYR B 127 55.60 10.12 -21.09
N ASP B 128 56.11 10.39 -22.30
CA ASP B 128 56.87 9.39 -23.04
C ASP B 128 58.18 9.08 -22.34
N ASP B 129 58.96 10.11 -22.02
CA ASP B 129 60.20 9.95 -21.28
C ASP B 129 60.30 11.06 -20.24
N CYS B 130 60.52 10.68 -18.99
CA CYS B 130 60.77 11.67 -17.95
C CYS B 130 62.14 12.34 -18.09
N THR B 131 62.93 11.93 -19.09
CA THR B 131 64.25 12.52 -19.28
C THR B 131 64.14 13.99 -19.71
N ASP B 132 63.06 14.36 -20.39
CA ASP B 132 62.89 15.73 -20.87
C ASP B 132 61.41 16.07 -20.78
N ILE B 133 61.05 16.92 -19.82
CA ILE B 133 59.64 17.22 -19.59
C ILE B 133 59.08 18.09 -20.72
N LEU B 134 59.88 19.01 -21.24
CA LEU B 134 59.36 20.02 -22.15
C LEU B 134 59.24 19.53 -23.58
N SER B 135 59.98 18.49 -23.96
CA SER B 135 59.92 17.95 -25.32
C SER B 135 59.32 16.56 -25.38
N SER B 136 58.86 16.01 -24.26
CA SER B 136 58.28 14.67 -24.25
C SER B 136 56.86 14.69 -24.79
N ASN B 137 56.45 13.55 -25.35
CA ASN B 137 55.08 13.39 -25.80
C ASN B 137 54.17 13.11 -24.62
N THR B 138 52.92 13.56 -24.72
CA THR B 138 51.99 13.50 -23.60
C THR B 138 50.73 12.74 -23.99
N LEU B 139 50.25 11.92 -23.06
CA LEU B 139 48.97 11.24 -23.17
C LEU B 139 48.11 11.59 -21.95
N SER B 140 46.80 11.65 -22.17
CA SER B 140 45.89 11.73 -21.04
C SER B 140 45.83 10.38 -20.35
N PRO B 141 45.76 10.34 -19.02
CA PRO B 141 45.78 9.06 -18.31
C PRO B 141 44.45 8.32 -18.43
N THR B 142 44.51 7.04 -18.08
CA THR B 142 43.31 6.19 -18.00
C THR B 142 42.88 6.12 -16.54
N THR B 143 41.59 6.33 -16.30
CA THR B 143 41.06 6.49 -14.95
C THR B 143 40.31 5.23 -14.55
N THR B 144 40.73 4.64 -13.43
CA THR B 144 40.04 3.51 -12.83
C THR B 144 39.68 3.86 -11.39
N HIS B 145 38.46 3.53 -10.99
CA HIS B 145 37.95 3.84 -9.65
C HIS B 145 37.94 2.58 -8.81
N GLU B 146 38.58 2.64 -7.66
CA GLU B 146 38.78 1.49 -6.79
C GLU B 146 37.96 1.65 -5.51
N PHE B 147 37.17 0.62 -5.17
CA PHE B 147 36.30 0.66 -4.02
C PHE B 147 36.38 -0.65 -3.26
N ASN B 148 36.65 -0.55 -1.95
CA ASN B 148 36.62 -1.71 -1.08
C ASN B 148 36.03 -1.33 0.28
N VAL B 149 35.27 -2.24 0.85
CA VAL B 149 34.92 -2.20 2.26
C VAL B 149 35.96 -3.03 3.01
N ASP B 150 36.71 -2.39 3.91
CA ASP B 150 37.76 -3.09 4.64
C ASP B 150 37.17 -3.88 5.81
N ALA B 151 36.78 -3.17 6.87
CA ALA B 151 36.14 -3.77 8.03
C ALA B 151 34.64 -3.51 8.01
N TRP B 152 33.89 -4.45 8.56
CA TRP B 152 32.44 -4.32 8.68
C TRP B 152 32.05 -4.21 10.14
N GLY B 153 31.12 -3.29 10.44
CA GLY B 153 30.50 -3.27 11.74
C GLY B 153 29.41 -4.32 11.86
N GLN B 154 29.05 -4.64 13.11
CA GLN B 154 28.07 -5.70 13.34
C GLN B 154 26.75 -5.39 12.66
N GLY B 155 26.38 -4.12 12.57
CA GLY B 155 25.12 -3.72 11.99
C GLY B 155 24.09 -3.33 13.05
N LEU B 156 23.09 -2.57 12.61
CA LEU B 156 21.99 -2.15 13.47
C LEU B 156 20.72 -2.21 12.65
N LEU B 157 19.77 -3.04 13.08
CA LEU B 157 18.52 -3.21 12.36
C LEU B 157 17.58 -2.06 12.70
N VAL B 158 17.14 -1.35 11.66
CA VAL B 158 16.25 -0.20 11.81
C VAL B 158 14.98 -0.50 11.02
N THR B 159 13.84 -0.36 11.68
CA THR B 159 12.55 -0.62 11.07
C THR B 159 11.79 0.70 10.91
N VAL B 160 11.06 0.82 9.81
CA VAL B 160 10.31 2.02 9.48
C VAL B 160 8.83 1.65 9.49
N SER B 161 8.11 2.08 10.53
CA SER B 161 6.71 1.72 10.66
C SER B 161 6.00 2.75 11.53
N SER B 162 4.74 3.02 11.18
CA SER B 162 3.91 3.89 12.00
C SER B 162 3.47 3.24 13.30
N ALA B 163 3.63 1.92 13.44
CA ALA B 163 3.32 1.25 14.69
C ALA B 163 4.35 1.61 15.75
N SER B 164 3.99 1.34 17.00
CA SER B 164 4.77 1.80 18.15
C SER B 164 5.61 0.66 18.72
N THR B 165 6.66 1.05 19.44
CA THR B 165 7.50 0.09 20.11
C THR B 165 6.68 -0.76 21.08
N LYS B 166 7.10 -2.01 21.27
CA LYS B 166 6.48 -2.88 22.25
C LYS B 166 7.49 -3.91 22.72
N GLY B 167 7.67 -3.99 24.04
CA GLY B 167 8.59 -4.94 24.63
C GLY B 167 8.06 -6.36 24.61
N PRO B 168 8.90 -7.31 24.97
CA PRO B 168 8.48 -8.72 24.91
C PRO B 168 7.94 -9.28 26.22
N SER B 169 7.06 -10.27 26.11
CA SER B 169 6.66 -11.08 27.26
C SER B 169 7.43 -12.40 27.20
N VAL B 170 8.11 -12.74 28.28
CA VAL B 170 8.95 -13.93 28.33
C VAL B 170 8.23 -14.97 29.17
N PHE B 171 7.86 -16.08 28.53
CA PHE B 171 7.19 -17.20 29.17
C PHE B 171 8.09 -18.42 29.17
N PRO B 172 8.16 -19.17 30.26
CA PRO B 172 9.07 -20.31 30.32
C PRO B 172 8.54 -21.48 29.50
N LEU B 173 9.46 -22.19 28.84
CA LEU B 173 9.17 -23.45 28.17
C LEU B 173 9.75 -24.54 29.08
N ALA B 174 8.98 -24.91 30.10
CA ALA B 174 9.49 -25.78 31.15
C ALA B 174 9.60 -27.22 30.64
N PRO B 175 10.64 -27.96 31.04
CA PRO B 175 10.79 -29.34 30.60
C PRO B 175 10.01 -30.32 31.47
N SER B 176 8.98 -30.94 30.89
CA SER B 176 8.19 -31.90 31.64
C SER B 176 8.85 -33.26 31.63
N SER B 177 8.60 -34.04 32.69
CA SER B 177 9.13 -35.40 32.76
C SER B 177 8.64 -36.28 31.63
N LYS B 178 7.72 -35.79 30.79
CA LYS B 178 7.30 -36.51 29.60
C LYS B 178 7.91 -35.94 28.32
N SER B 179 8.58 -34.79 28.40
CA SER B 179 9.27 -34.21 27.25
C SER B 179 10.78 -34.34 27.37
N THR B 180 11.26 -35.22 28.24
CA THR B 180 12.68 -35.53 28.30
C THR B 180 13.04 -36.57 27.24
N SER B 181 14.34 -36.71 27.00
CA SER B 181 14.87 -37.72 26.08
C SER B 181 15.99 -38.50 26.74
N GLY B 182 15.76 -38.91 27.98
CA GLY B 182 16.69 -39.76 28.71
C GLY B 182 18.12 -39.29 28.65
N GLY B 183 18.56 -38.61 29.70
CA GLY B 183 19.91 -38.07 29.74
C GLY B 183 19.96 -36.60 29.37
N THR B 184 19.15 -36.20 28.39
CA THR B 184 19.06 -34.82 27.97
C THR B 184 17.60 -34.39 27.96
N ALA B 185 17.38 -33.09 28.19
CA ALA B 185 16.04 -32.52 28.21
C ALA B 185 16.09 -31.12 27.61
N ALA B 186 15.08 -30.79 26.82
CA ALA B 186 14.99 -29.49 26.16
C ALA B 186 14.11 -28.56 26.99
N LEU B 187 14.68 -27.43 27.41
CA LEU B 187 13.95 -26.36 28.07
C LEU B 187 14.28 -25.06 27.36
N GLY B 188 13.40 -24.09 27.47
CA GLY B 188 13.56 -22.86 26.71
C GLY B 188 12.85 -21.67 27.30
N CYS B 189 12.68 -20.66 26.45
CA CYS B 189 11.99 -19.41 26.80
C CYS B 189 11.24 -18.94 25.57
N LEU B 190 9.94 -18.66 25.74
CA LEU B 190 9.12 -18.11 24.67
C LEU B 190 9.15 -16.59 24.77
N VAL B 191 9.66 -15.94 23.73
CA VAL B 191 9.71 -14.48 23.65
C VAL B 191 8.57 -14.07 22.73
N LYS B 192 7.46 -13.62 23.34
CA LYS B 192 6.21 -13.43 22.64
C LYS B 192 5.88 -11.95 22.52
N ASP B 193 5.30 -11.57 21.37
CA ASP B 193 4.79 -10.22 21.15
C ASP B 193 5.82 -9.15 21.48
N TYR B 194 6.55 -8.69 20.47
CA TYR B 194 7.53 -7.62 20.64
C TYR B 194 7.75 -6.97 19.29
N PHE B 195 8.02 -5.66 19.30
CA PHE B 195 8.23 -4.91 18.07
C PHE B 195 9.11 -3.70 18.35
N PRO B 196 10.03 -3.35 17.43
CA PRO B 196 10.39 -4.10 16.21
C PRO B 196 11.44 -5.16 16.50
N GLU B 197 11.97 -5.79 15.47
CA GLU B 197 13.13 -6.65 15.64
C GLU B 197 14.33 -5.79 16.06
N PRO B 198 15.36 -6.40 16.65
CA PRO B 198 15.53 -7.82 16.94
C PRO B 198 15.50 -8.17 18.43
N VAL B 199 15.48 -9.47 18.72
CA VAL B 199 15.67 -9.99 20.07
C VAL B 199 16.88 -10.91 20.05
N THR B 200 17.66 -10.89 21.13
CA THR B 200 18.75 -11.82 21.33
C THR B 200 18.55 -12.49 22.68
N VAL B 201 18.96 -13.76 22.78
CA VAL B 201 18.79 -14.53 23.99
C VAL B 201 20.10 -15.23 24.34
N SER B 202 20.51 -15.13 25.59
CA SER B 202 21.61 -15.89 26.15
C SER B 202 21.07 -16.68 27.35
N TRP B 203 21.94 -17.49 27.96
CA TRP B 203 21.52 -18.38 29.03
C TRP B 203 22.55 -18.38 30.15
N ASN B 204 22.08 -18.26 31.38
CA ASN B 204 22.93 -18.17 32.56
C ASN B 204 23.94 -17.04 32.44
N SER B 205 23.55 -15.95 31.76
CA SER B 205 24.42 -14.81 31.53
C SER B 205 25.65 -15.21 30.69
N GLY B 206 25.37 -15.89 29.58
CA GLY B 206 26.43 -16.30 28.67
C GLY B 206 27.14 -17.57 29.08
N ALA B 207 27.16 -17.86 30.38
CA ALA B 207 27.93 -19.00 30.90
C ALA B 207 27.44 -20.34 30.39
N LEU B 208 26.30 -20.39 29.70
CA LEU B 208 25.78 -21.62 29.11
C LEU B 208 25.68 -21.40 27.61
N THR B 209 26.45 -22.19 26.85
CA THR B 209 26.52 -22.01 25.40
C THR B 209 26.23 -23.30 24.65
N SER B 210 26.52 -24.43 25.28
CA SER B 210 26.44 -25.72 24.60
C SER B 210 24.99 -26.18 24.52
N GLY B 211 24.52 -26.45 23.31
CA GLY B 211 23.18 -26.92 23.09
C GLY B 211 22.16 -25.85 22.80
N VAL B 212 22.56 -24.58 22.82
CA VAL B 212 21.62 -23.48 22.67
C VAL B 212 21.32 -23.26 21.20
N HIS B 213 20.07 -22.89 20.90
CA HIS B 213 19.70 -22.41 19.58
C HIS B 213 18.54 -21.43 19.73
N THR B 214 18.76 -20.18 19.32
CA THR B 214 17.72 -19.16 19.30
C THR B 214 17.14 -19.12 17.89
N PHE B 215 15.87 -19.50 17.78
CA PHE B 215 15.24 -19.61 16.47
C PHE B 215 15.01 -18.22 15.87
N PRO B 216 14.84 -18.14 14.55
CA PRO B 216 14.36 -16.89 13.94
C PRO B 216 13.01 -16.51 14.51
N ALA B 217 12.61 -15.28 14.23
CA ALA B 217 11.35 -14.75 14.72
C ALA B 217 10.25 -14.93 13.68
N VAL B 218 9.04 -15.18 14.17
CA VAL B 218 7.86 -15.27 13.33
C VAL B 218 7.14 -13.92 13.37
N LEU B 219 6.49 -13.57 12.26
CA LEU B 219 5.67 -12.37 12.19
C LEU B 219 4.21 -12.81 12.21
N GLN B 220 3.59 -12.70 13.39
CA GLN B 220 2.18 -13.02 13.53
C GLN B 220 1.33 -12.02 12.77
N SER B 221 0.05 -12.38 12.58
CA SER B 221 -0.87 -11.46 11.91
C SER B 221 -1.09 -10.18 12.70
N SER B 222 -0.75 -10.17 13.99
CA SER B 222 -0.95 -9.00 14.83
C SER B 222 0.03 -7.89 14.54
N GLY B 223 1.09 -8.15 13.77
CA GLY B 223 2.14 -7.19 13.57
C GLY B 223 3.24 -7.24 14.60
N LEU B 224 3.25 -8.24 15.47
CA LEU B 224 4.28 -8.41 16.49
C LEU B 224 5.12 -9.64 16.18
N TYR B 225 6.36 -9.64 16.67
CA TYR B 225 7.30 -10.71 16.44
C TYR B 225 7.43 -11.57 17.68
N SER B 226 7.67 -12.87 17.47
CA SER B 226 7.89 -13.80 18.56
C SER B 226 8.95 -14.81 18.14
N LEU B 227 9.66 -15.35 19.13
CA LEU B 227 10.67 -16.38 18.89
C LEU B 227 10.85 -17.18 20.16
N SER B 228 11.63 -18.26 20.04
CA SER B 228 11.95 -19.13 21.16
C SER B 228 13.43 -19.42 21.18
N SER B 229 13.97 -19.61 22.38
CA SER B 229 15.35 -20.00 22.59
C SER B 229 15.35 -21.26 23.44
N VAL B 230 15.97 -22.33 22.93
CA VAL B 230 15.98 -23.62 23.61
C VAL B 230 17.42 -24.04 23.86
N VAL B 231 17.61 -24.82 24.91
CA VAL B 231 18.89 -25.44 25.23
C VAL B 231 18.62 -26.84 25.76
N THR B 232 19.44 -27.80 25.34
CA THR B 232 19.33 -29.19 25.78
C THR B 232 20.37 -29.45 26.85
N VAL B 233 19.93 -29.93 28.02
CA VAL B 233 20.79 -29.99 29.19
C VAL B 233 20.67 -31.37 29.81
N PRO B 234 21.64 -31.76 30.64
CA PRO B 234 21.53 -33.05 31.34
C PRO B 234 20.23 -33.14 32.14
N SER B 235 19.52 -34.26 31.96
CA SER B 235 18.24 -34.45 32.64
C SER B 235 18.41 -34.73 34.12
N SER B 236 19.60 -35.17 34.55
CA SER B 236 19.85 -35.38 35.96
C SER B 236 20.07 -34.08 36.73
N SER B 237 20.33 -32.98 36.03
CA SER B 237 20.65 -31.70 36.64
C SER B 237 19.45 -30.77 36.71
N LEU B 238 18.24 -31.27 36.51
CA LEU B 238 17.08 -30.39 36.42
C LEU B 238 16.68 -29.78 37.76
N GLY B 239 17.20 -30.32 38.87
CA GLY B 239 16.89 -29.76 40.16
C GLY B 239 18.10 -29.13 40.83
N THR B 240 19.28 -29.35 40.27
CA THR B 240 20.53 -28.94 40.90
C THR B 240 21.26 -27.83 40.16
N GLN B 241 20.75 -27.40 39.00
CA GLN B 241 21.35 -26.29 38.26
C GLN B 241 20.22 -25.38 37.78
N THR B 242 20.26 -24.11 38.21
CA THR B 242 19.28 -23.14 37.78
C THR B 242 19.57 -22.69 36.35
N TYR B 243 18.52 -22.59 35.54
CA TYR B 243 18.65 -22.21 34.14
C TYR B 243 17.84 -20.94 33.92
N ILE B 244 18.55 -19.84 33.64
CA ILE B 244 17.94 -18.53 33.43
C ILE B 244 18.27 -18.08 32.02
N CYS B 245 17.25 -17.64 31.28
CA CYS B 245 17.43 -17.08 29.96
C CYS B 245 17.44 -15.56 30.07
N ASN B 246 18.45 -14.92 29.49
CA ASN B 246 18.64 -13.48 29.56
C ASN B 246 18.25 -12.89 28.20
N VAL B 247 16.99 -12.52 28.07
CA VAL B 247 16.51 -11.89 26.84
C VAL B 247 16.94 -10.43 26.81
N ASN B 248 17.12 -9.89 25.61
CA ASN B 248 17.52 -8.51 25.42
C ASN B 248 16.80 -7.95 24.20
N HIS B 249 16.15 -6.81 24.38
CA HIS B 249 15.41 -6.13 23.32
C HIS B 249 15.78 -4.65 23.38
N LYS B 250 16.85 -4.29 22.65
CA LYS B 250 17.29 -2.90 22.64
C LYS B 250 16.25 -1.94 22.10
N PRO B 251 15.48 -2.26 21.05
CA PRO B 251 14.53 -1.28 20.51
C PRO B 251 13.62 -0.67 21.57
N SER B 252 13.53 -1.29 22.75
CA SER B 252 12.79 -0.73 23.86
C SER B 252 13.63 -0.71 25.13
N ASN B 253 14.95 -0.80 25.01
CA ASN B 253 15.86 -0.75 26.15
C ASN B 253 15.44 -1.71 27.25
N THR B 254 14.86 -2.85 26.86
CA THR B 254 14.38 -3.84 27.81
C THR B 254 15.33 -5.03 27.87
N LYS B 255 15.44 -5.63 29.05
CA LYS B 255 16.28 -6.80 29.26
C LYS B 255 15.62 -7.65 30.34
N VAL B 256 15.31 -8.90 30.02
CA VAL B 256 14.55 -9.78 30.91
C VAL B 256 15.40 -10.97 31.32
N ASP B 257 15.18 -11.43 32.55
CA ASP B 257 15.76 -12.67 33.05
C ASP B 257 14.61 -13.53 33.57
N LYS B 258 14.56 -14.79 33.13
CA LYS B 258 13.46 -15.69 33.48
C LYS B 258 14.02 -17.02 33.98
N LYS B 259 13.80 -17.31 35.25
CA LYS B 259 13.99 -18.67 35.74
C LYS B 259 13.07 -19.61 34.96
N VAL B 260 13.65 -20.69 34.42
CA VAL B 260 12.86 -21.79 33.86
C VAL B 260 12.89 -22.89 34.92
N GLU B 261 11.77 -23.06 35.64
CA GLU B 261 11.66 -24.07 36.68
C GLU B 261 11.06 -25.35 36.10
N PRO B 262 11.48 -26.51 36.60
CA PRO B 262 10.97 -27.77 36.03
C PRO B 262 9.55 -28.08 36.51
N LYS B 263 8.75 -28.58 35.58
CA LYS B 263 7.39 -28.98 35.92
C LYS B 263 7.40 -30.10 36.95
N SER B 264 6.47 -30.03 37.89
CA SER B 264 6.33 -31.08 38.90
C SER B 264 6.12 -32.45 38.27
N CYS B 265 5.66 -32.50 37.03
CA CYS B 265 5.38 -33.75 36.34
C CYS B 265 6.24 -33.89 35.09
N ALA C 2 -21.11 -9.33 -22.25
CA ALA C 2 -20.94 -7.89 -22.40
C ALA C 2 -20.99 -7.22 -21.01
N VAL C 3 -22.12 -6.61 -20.68
CA VAL C 3 -22.33 -6.04 -19.35
C VAL C 3 -23.17 -7.00 -18.53
N LEU C 4 -22.86 -7.12 -17.24
CA LEU C 4 -23.71 -7.86 -16.32
C LEU C 4 -25.09 -7.22 -16.29
N ASN C 5 -26.12 -8.05 -16.18
CA ASN C 5 -27.50 -7.58 -16.28
C ASN C 5 -28.05 -7.33 -14.88
N GLN C 6 -28.54 -6.12 -14.65
CA GLN C 6 -29.21 -5.72 -13.43
C GLN C 6 -30.55 -5.08 -13.81
N PRO C 7 -31.53 -5.12 -12.89
CA PRO C 7 -32.81 -4.44 -13.18
C PRO C 7 -32.64 -2.93 -13.24
N SER C 8 -33.33 -2.32 -14.19
CA SER C 8 -33.27 -0.87 -14.33
C SER C 8 -33.62 -0.17 -13.03
N SER C 9 -34.59 -0.71 -12.29
CA SER C 9 -35.01 -0.08 -11.04
C SER C 9 -35.50 -1.15 -10.07
N VAL C 10 -35.51 -0.79 -8.79
CA VAL C 10 -36.06 -1.62 -7.73
C VAL C 10 -36.67 -0.69 -6.69
N SER C 11 -37.79 -1.12 -6.11
CA SER C 11 -38.50 -0.34 -5.12
C SER C 11 -38.57 -1.10 -3.81
N GLY C 12 -38.90 -0.37 -2.74
CA GLY C 12 -39.02 -0.97 -1.43
C GLY C 12 -39.51 0.02 -0.39
N SER C 13 -40.32 -0.45 0.55
CA SER C 13 -40.81 0.39 1.63
C SER C 13 -39.86 0.31 2.82
N LEU C 14 -39.78 1.41 3.57
CA LEU C 14 -38.93 1.48 4.74
C LEU C 14 -39.10 0.24 5.62
N GLY C 15 -37.98 -0.25 6.15
CA GLY C 15 -38.00 -1.40 7.02
C GLY C 15 -38.04 -2.73 6.29
N GLN C 16 -38.61 -2.76 5.09
CA GLN C 16 -38.76 -4.00 4.36
C GLN C 16 -37.43 -4.46 3.77
N ARG C 17 -37.44 -5.66 3.19
CA ARG C 17 -36.28 -6.26 2.56
C ARG C 17 -36.32 -6.02 1.06
N VAL C 18 -35.14 -5.86 0.47
CA VAL C 18 -34.98 -5.63 -0.95
C VAL C 18 -33.80 -6.45 -1.45
N SER C 19 -33.90 -6.90 -2.71
CA SER C 19 -32.86 -7.72 -3.32
C SER C 19 -32.63 -7.26 -4.74
N ILE C 20 -31.36 -7.03 -5.08
CA ILE C 20 -30.95 -6.58 -6.41
C ILE C 20 -30.12 -7.68 -7.06
N THR C 21 -30.48 -8.06 -8.28
CA THR C 21 -29.92 -9.23 -8.94
C THR C 21 -28.89 -8.82 -9.99
N CYS C 22 -27.82 -9.62 -10.08
CA CYS C 22 -26.71 -9.36 -11.00
C CYS C 22 -26.39 -10.69 -11.68
N SER C 23 -26.86 -10.85 -12.92
CA SER C 23 -26.75 -12.10 -13.65
C SER C 23 -25.77 -11.97 -14.80
N GLY C 24 -24.81 -12.89 -14.87
CA GLY C 24 -23.83 -12.89 -15.93
C GLY C 24 -23.66 -14.25 -16.58
N SER C 25 -22.43 -14.78 -16.57
CA SER C 25 -22.15 -16.09 -17.14
C SER C 25 -21.08 -16.75 -16.28
N SER C 26 -20.53 -17.87 -16.78
CA SER C 26 -19.51 -18.58 -16.03
C SER C 26 -18.17 -17.85 -16.05
N SER C 27 -17.88 -17.13 -17.14
CA SER C 27 -16.59 -16.45 -17.26
C SER C 27 -16.44 -15.36 -16.21
N ASN C 28 -17.53 -14.71 -15.81
CA ASN C 28 -17.46 -13.61 -14.88
C ASN C 28 -18.07 -13.96 -13.51
N VAL C 29 -19.40 -13.99 -13.43
CA VAL C 29 -20.05 -14.23 -12.14
C VAL C 29 -19.76 -15.64 -11.64
N GLY C 30 -19.71 -16.61 -12.56
CA GLY C 30 -19.44 -17.98 -12.17
C GLY C 30 -18.17 -18.13 -11.36
N ASN C 31 -17.22 -17.20 -11.52
CA ASN C 31 -15.95 -17.29 -10.81
C ASN C 31 -16.09 -16.99 -9.33
N GLY C 32 -17.24 -16.48 -8.88
CA GLY C 32 -17.50 -16.32 -7.46
C GLY C 32 -16.69 -15.25 -6.78
N TYR C 33 -16.63 -14.06 -7.39
CA TYR C 33 -15.93 -12.91 -6.79
C TYR C 33 -16.56 -11.63 -7.36
N VAL C 34 -17.80 -11.37 -6.95
CA VAL C 34 -18.54 -10.21 -7.40
C VAL C 34 -18.50 -9.14 -6.32
N SER C 35 -18.49 -7.88 -6.74
CA SER C 35 -18.45 -6.73 -5.84
C SER C 35 -19.66 -5.84 -6.10
N TRP C 36 -20.03 -5.07 -5.08
CA TRP C 36 -21.19 -4.20 -5.14
C TRP C 36 -20.81 -2.79 -4.72
N TYR C 37 -21.35 -1.79 -5.42
CA TYR C 37 -21.02 -0.40 -5.18
C TYR C 37 -22.28 0.46 -5.16
N GLN C 38 -22.26 1.50 -4.34
CA GLN C 38 -23.37 2.42 -4.18
C GLN C 38 -22.98 3.80 -4.72
N LEU C 39 -23.86 4.41 -5.49
CA LEU C 39 -23.62 5.71 -6.11
C LEU C 39 -24.74 6.67 -5.74
N ILE C 40 -24.52 7.45 -4.69
CA ILE C 40 -25.43 8.55 -4.36
C ILE C 40 -25.04 9.77 -5.19
N PRO C 41 -25.96 10.38 -5.93
CA PRO C 41 -25.60 11.56 -6.72
C PRO C 41 -24.95 12.63 -5.86
N GLY C 42 -23.88 13.23 -6.39
CA GLY C 42 -23.12 14.22 -5.67
C GLY C 42 -22.02 13.67 -4.79
N SER C 43 -21.96 12.36 -4.61
CA SER C 43 -20.93 11.72 -3.81
C SER C 43 -20.08 10.81 -4.69
N ALA C 44 -18.88 10.50 -4.19
CA ALA C 44 -18.03 9.55 -4.88
C ALA C 44 -18.59 8.14 -4.68
N PRO C 45 -18.50 7.28 -5.70
CA PRO C 45 -18.99 5.90 -5.53
C PRO C 45 -18.40 5.24 -4.30
N ARG C 46 -19.21 4.41 -3.66
CA ARG C 46 -18.88 3.77 -2.39
C ARG C 46 -18.85 2.26 -2.61
N THR C 47 -17.78 1.62 -2.16
CA THR C 47 -17.64 0.17 -2.28
C THR C 47 -18.32 -0.48 -1.08
N LEU C 48 -19.33 -1.31 -1.37
CA LEU C 48 -20.11 -1.97 -0.31
C LEU C 48 -19.55 -3.36 -0.02
N ILE C 49 -19.70 -4.28 -0.97
CA ILE C 49 -19.34 -5.67 -0.80
C ILE C 49 -18.16 -5.97 -1.73
N TYR C 50 -17.13 -6.61 -1.19
CA TYR C 50 -16.00 -7.06 -2.00
C TYR C 50 -16.38 -8.36 -2.70
N GLY C 51 -15.38 -9.16 -3.07
CA GLY C 51 -15.66 -10.38 -3.82
C GLY C 51 -16.37 -11.43 -2.99
N ASP C 52 -15.90 -11.65 -1.76
CA ASP C 52 -16.53 -12.61 -0.86
C ASP C 52 -17.90 -12.12 -0.44
N THR C 53 -18.34 -12.56 0.74
CA THR C 53 -19.46 -11.92 1.42
C THR C 53 -19.05 -10.66 2.15
N SER C 54 -17.77 -10.28 2.06
CA SER C 54 -17.20 -9.31 2.98
C SER C 54 -17.75 -7.92 2.75
N ARG C 55 -18.01 -7.21 3.85
CA ARG C 55 -18.48 -5.84 3.81
C ARG C 55 -17.30 -4.88 3.85
N ALA C 56 -17.39 -3.82 3.05
CA ALA C 56 -16.41 -2.74 3.16
C ALA C 56 -16.57 -2.03 4.49
N SER C 57 -15.50 -1.35 4.92
CA SER C 57 -15.52 -0.66 6.20
C SER C 57 -16.61 0.39 6.23
N GLY C 58 -17.26 0.51 7.39
CA GLY C 58 -18.33 1.47 7.55
C GLY C 58 -19.62 1.14 6.84
N VAL C 59 -19.78 -0.08 6.34
CA VAL C 59 -21.00 -0.52 5.69
C VAL C 59 -21.83 -1.29 6.71
N PRO C 60 -23.12 -0.99 6.87
CA PRO C 60 -23.90 -1.64 7.91
C PRO C 60 -24.22 -3.09 7.56
N ASP C 61 -24.54 -3.86 8.61
CA ASP C 61 -24.81 -5.28 8.45
C ASP C 61 -26.04 -5.53 7.58
N ARG C 62 -26.97 -4.58 7.52
CA ARG C 62 -28.17 -4.77 6.71
C ARG C 62 -27.85 -4.94 5.24
N PHE C 63 -26.60 -4.71 4.84
CA PHE C 63 -26.14 -5.04 3.49
C PHE C 63 -25.49 -6.42 3.49
N SER C 64 -25.80 -7.21 2.48
CA SER C 64 -25.24 -8.55 2.37
C SER C 64 -25.16 -8.95 0.91
N GLY C 65 -24.23 -9.85 0.61
CA GLY C 65 -24.03 -10.34 -0.74
C GLY C 65 -24.16 -11.84 -0.81
N SER C 66 -24.74 -12.33 -1.91
CA SER C 66 -24.96 -13.75 -2.09
C SER C 66 -24.91 -14.06 -3.58
N ARG C 67 -24.59 -15.32 -3.90
CA ARG C 67 -24.48 -15.76 -5.28
C ARG C 67 -25.01 -17.18 -5.41
N SER C 68 -25.75 -17.42 -6.48
CA SER C 68 -26.28 -18.75 -6.82
C SER C 68 -25.86 -19.02 -8.26
N GLY C 69 -24.68 -19.62 -8.43
CA GLY C 69 -24.16 -19.86 -9.76
C GLY C 69 -23.78 -18.59 -10.49
N ASN C 70 -24.48 -18.28 -11.58
CA ASN C 70 -24.17 -17.12 -12.40
C ASN C 70 -25.07 -15.93 -12.10
N THR C 71 -25.48 -15.78 -10.84
CA THR C 71 -26.32 -14.65 -10.44
C THR C 71 -25.96 -14.25 -9.02
N ALA C 72 -25.38 -13.06 -8.86
CA ALA C 72 -25.11 -12.50 -7.55
C ALA C 72 -26.26 -11.61 -7.12
N THR C 73 -26.41 -11.45 -5.80
CA THR C 73 -27.55 -10.74 -5.23
C THR C 73 -27.11 -9.88 -4.06
N LEU C 74 -27.47 -8.60 -4.12
CA LEU C 74 -27.30 -7.68 -3.00
C LEU C 74 -28.64 -7.55 -2.29
N THR C 75 -28.62 -7.63 -0.96
CA THR C 75 -29.84 -7.61 -0.17
C THR C 75 -29.70 -6.58 0.95
N ILE C 76 -30.60 -5.60 0.97
CA ILE C 76 -30.73 -4.66 2.06
C ILE C 76 -31.88 -5.13 2.93
N SER C 77 -31.59 -5.45 4.19
CA SER C 77 -32.57 -6.11 5.03
C SER C 77 -33.67 -5.13 5.47
N SER C 78 -33.29 -4.02 6.07
CA SER C 78 -34.24 -3.02 6.58
C SER C 78 -33.95 -1.69 5.88
N LEU C 79 -34.61 -1.48 4.74
CA LEU C 79 -34.45 -0.26 3.97
C LEU C 79 -34.61 0.98 4.83
N GLN C 80 -33.63 1.88 4.75
CA GLN C 80 -33.74 3.22 5.28
C GLN C 80 -33.96 4.18 4.11
N ALA C 81 -33.93 5.49 4.41
CA ALA C 81 -34.06 6.49 3.34
C ALA C 81 -32.71 6.81 2.72
N GLU C 82 -31.63 6.76 3.51
CA GLU C 82 -30.30 7.02 2.96
C GLU C 82 -29.94 6.02 1.87
N ASP C 83 -30.48 4.81 1.93
CA ASP C 83 -30.15 3.76 0.98
C ASP C 83 -30.67 4.04 -0.42
N GLU C 84 -31.38 5.15 -0.63
CA GLU C 84 -31.90 5.50 -1.95
C GLU C 84 -30.75 5.93 -2.86
N ALA C 85 -30.50 5.17 -3.91
CA ALA C 85 -29.36 5.43 -4.80
C ALA C 85 -29.33 4.49 -5.99
N ASP C 86 -28.26 4.58 -6.79
CA ASP C 86 -27.99 3.64 -7.87
C ASP C 86 -26.93 2.66 -7.42
N TYR C 87 -27.11 1.39 -7.79
CA TYR C 87 -26.26 0.30 -7.32
C TYR C 87 -25.69 -0.47 -8.51
N PHE C 88 -24.42 -0.87 -8.38
CA PHE C 88 -23.72 -1.54 -9.46
C PHE C 88 -22.94 -2.75 -8.93
N CYS C 89 -22.93 -3.82 -9.70
CA CYS C 89 -22.07 -4.97 -9.45
C CYS C 89 -20.92 -4.98 -10.44
N ALA C 90 -19.83 -5.63 -10.05
CA ALA C 90 -18.64 -5.69 -10.89
C ALA C 90 -17.90 -7.00 -10.64
N SER C 91 -17.36 -7.57 -11.71
CA SER C 91 -16.62 -8.82 -11.62
C SER C 91 -15.56 -8.84 -12.71
N ALA C 92 -14.51 -9.62 -12.47
CA ALA C 92 -13.50 -9.87 -13.49
C ALA C 92 -13.97 -10.99 -14.41
N GLU C 93 -13.66 -10.87 -15.70
CA GLU C 93 -14.03 -11.87 -16.70
C GLU C 93 -12.79 -12.71 -17.02
N ASP C 94 -12.84 -13.99 -16.66
CA ASP C 94 -11.73 -14.92 -16.86
C ASP C 94 -10.50 -14.50 -16.05
N SER C 95 -10.73 -13.88 -14.89
CA SER C 95 -9.64 -13.46 -14.00
C SER C 95 -8.61 -12.62 -14.75
N SER C 96 -9.11 -11.67 -15.55
CA SER C 96 -8.26 -10.87 -16.42
C SER C 96 -7.68 -9.65 -15.73
N SER C 97 -8.12 -9.33 -14.51
CA SER C 97 -7.74 -8.10 -13.82
C SER C 97 -8.60 -6.94 -14.32
N ASN C 98 -9.08 -7.04 -15.55
CA ASN C 98 -10.03 -6.06 -16.08
C ASN C 98 -11.43 -6.39 -15.59
N ALA C 99 -12.22 -5.35 -15.35
CA ALA C 99 -13.53 -5.51 -14.74
C ALA C 99 -14.65 -5.32 -15.76
N VAL C 100 -15.76 -6.02 -15.51
CA VAL C 100 -17.02 -5.77 -16.20
C VAL C 100 -18.00 -5.23 -15.17
N PHE C 101 -18.82 -4.26 -15.60
CA PHE C 101 -19.77 -3.60 -14.71
C PHE C 101 -21.19 -3.90 -15.17
N GLY C 102 -22.10 -3.97 -14.20
CA GLY C 102 -23.49 -4.24 -14.50
C GLY C 102 -24.21 -3.02 -15.04
N SER C 103 -25.43 -3.27 -15.54
CA SER C 103 -26.25 -2.20 -16.09
C SER C 103 -26.78 -1.26 -15.02
N GLY C 104 -26.64 -1.61 -13.74
CA GLY C 104 -27.02 -0.72 -12.67
C GLY C 104 -28.49 -0.73 -12.33
N THR C 105 -28.81 -0.53 -11.06
CA THR C 105 -30.19 -0.58 -10.56
C THR C 105 -30.46 0.62 -9.68
N THR C 106 -31.53 1.35 -10.02
CA THR C 106 -31.95 2.52 -9.25
C THR C 106 -32.86 2.05 -8.12
N LEU C 107 -32.39 2.16 -6.89
CA LEU C 107 -33.18 1.76 -5.72
C LEU C 107 -34.00 2.95 -5.23
N THR C 108 -35.31 2.79 -5.21
CA THR C 108 -36.23 3.81 -4.72
C THR C 108 -36.79 3.37 -3.38
N VAL C 109 -36.73 4.25 -2.39
CA VAL C 109 -37.24 3.98 -1.06
C VAL C 109 -38.58 4.69 -0.92
N LEU C 110 -39.66 3.90 -0.85
CA LEU C 110 -41.01 4.43 -0.69
C LEU C 110 -41.40 4.38 0.78
N GLY C 111 -42.49 5.09 1.09
CA GLY C 111 -43.02 5.13 2.44
C GLY C 111 -42.78 6.43 3.19
N GLN C 112 -42.19 7.43 2.57
CA GLN C 112 -41.98 8.69 3.25
C GLN C 112 -43.32 9.40 3.44
N PRO C 113 -43.44 10.22 4.48
CA PRO C 113 -44.66 11.04 4.62
C PRO C 113 -44.81 11.98 3.44
N LYS C 114 -46.04 12.08 2.93
CA LYS C 114 -46.31 13.11 1.94
C LYS C 114 -45.97 14.48 2.50
N ALA C 115 -45.66 15.42 1.62
CA ALA C 115 -45.34 16.78 2.05
C ALA C 115 -45.63 17.72 0.90
N ALA C 116 -46.00 18.94 1.25
CA ALA C 116 -46.39 19.93 0.24
C ALA C 116 -45.21 20.82 -0.11
N PRO C 117 -45.21 21.40 -1.32
CA PRO C 117 -44.07 22.20 -1.74
C PRO C 117 -44.13 23.63 -1.23
N SER C 118 -42.97 24.14 -0.80
CA SER C 118 -42.79 25.55 -0.52
C SER C 118 -42.19 26.22 -1.75
N VAL C 119 -42.95 27.11 -2.37
CA VAL C 119 -42.56 27.74 -3.63
C VAL C 119 -42.08 29.16 -3.36
N THR C 120 -40.89 29.48 -3.86
CA THR C 120 -40.35 30.84 -3.84
C THR C 120 -40.11 31.29 -5.26
N LEU C 121 -40.52 32.52 -5.58
CA LEU C 121 -40.32 33.10 -6.90
C LEU C 121 -39.53 34.39 -6.75
N PHE C 122 -38.42 34.48 -7.49
CA PHE C 122 -37.58 35.68 -7.54
C PHE C 122 -37.74 36.38 -8.88
N PRO C 123 -37.83 37.70 -8.89
CA PRO C 123 -37.83 38.42 -10.17
C PRO C 123 -36.41 38.68 -10.62
N PRO C 124 -36.21 39.11 -11.87
CA PRO C 124 -34.86 39.46 -12.32
C PRO C 124 -34.21 40.45 -11.36
N SER C 125 -32.96 40.16 -10.99
CA SER C 125 -32.24 41.00 -10.04
C SER C 125 -31.85 42.32 -10.71
N SER C 126 -31.30 43.22 -9.88
CA SER C 126 -30.79 44.49 -10.41
C SER C 126 -29.66 44.24 -11.41
N GLU C 127 -28.65 43.49 -10.99
CA GLU C 127 -27.55 43.12 -11.86
C GLU C 127 -28.01 42.61 -13.21
N GLU C 128 -28.66 41.44 -13.23
CA GLU C 128 -29.02 40.80 -14.50
C GLU C 128 -29.76 41.76 -15.42
N LEU C 129 -30.52 42.70 -14.86
CA LEU C 129 -31.22 43.68 -15.69
C LEU C 129 -30.24 44.69 -16.28
N GLN C 130 -29.18 45.03 -15.55
CA GLN C 130 -28.14 45.90 -16.09
C GLN C 130 -27.35 45.24 -17.21
N ALA C 131 -27.55 43.93 -17.43
CA ALA C 131 -26.94 43.22 -18.54
C ALA C 131 -27.91 42.98 -19.69
N ASN C 132 -29.08 43.63 -19.66
CA ASN C 132 -30.11 43.44 -20.67
C ASN C 132 -30.59 41.99 -20.74
N LYS C 133 -30.67 41.36 -19.56
CA LYS C 133 -31.20 40.01 -19.42
C LYS C 133 -32.17 39.99 -18.25
N ALA C 134 -33.13 39.07 -18.30
CA ALA C 134 -34.10 38.90 -17.22
C ALA C 134 -34.45 37.43 -17.10
N THR C 135 -34.32 36.90 -15.88
CA THR C 135 -34.61 35.49 -15.62
C THR C 135 -35.38 35.39 -14.30
N LEU C 136 -36.62 34.92 -14.37
CA LEU C 136 -37.42 34.65 -13.18
C LEU C 136 -37.11 33.24 -12.70
N VAL C 137 -36.88 33.09 -11.40
CA VAL C 137 -36.39 31.86 -10.80
C VAL C 137 -37.45 31.35 -9.83
N CYS C 138 -38.13 30.26 -10.21
CA CYS C 138 -39.13 29.61 -9.38
C CYS C 138 -38.48 28.37 -8.74
N LEU C 139 -38.23 28.45 -7.44
CA LEU C 139 -37.67 27.32 -6.69
C LEU C 139 -38.77 26.59 -5.93
N ILE C 140 -38.62 25.28 -5.83
CA ILE C 140 -39.62 24.38 -5.27
C ILE C 140 -38.90 23.34 -4.43
N SER C 141 -39.29 23.21 -3.17
CA SER C 141 -38.54 22.33 -2.28
C SER C 141 -39.45 21.74 -1.20
N ASP C 142 -38.96 20.65 -0.58
CA ASP C 142 -39.56 20.06 0.61
C ASP C 142 -40.94 19.44 0.31
N PHE C 143 -41.04 18.70 -0.79
CA PHE C 143 -42.27 18.03 -1.14
C PHE C 143 -42.03 16.54 -1.37
N TYR C 144 -43.14 15.77 -1.41
CA TYR C 144 -43.12 14.33 -1.64
C TYR C 144 -44.51 13.89 -2.00
N PRO C 145 -44.68 13.04 -3.02
CA PRO C 145 -43.64 12.45 -3.87
C PRO C 145 -43.07 13.45 -4.88
N GLY C 146 -41.85 13.18 -5.36
CA GLY C 146 -41.21 14.07 -6.29
C GLY C 146 -41.83 14.07 -7.67
N ALA C 147 -43.08 14.50 -7.76
CA ALA C 147 -43.78 14.58 -9.04
C ALA C 147 -44.64 15.84 -9.02
N VAL C 148 -44.16 16.89 -9.69
CA VAL C 148 -44.85 18.17 -9.74
C VAL C 148 -45.04 18.58 -11.20
N THR C 149 -45.93 19.53 -11.41
CA THR C 149 -46.08 20.23 -12.69
C THR C 149 -45.88 21.72 -12.44
N VAL C 150 -45.30 22.40 -13.43
CA VAL C 150 -45.01 23.83 -13.33
C VAL C 150 -45.51 24.52 -14.58
N ALA C 151 -46.15 25.68 -14.39
CA ALA C 151 -46.65 26.50 -15.48
C ALA C 151 -46.28 27.95 -15.21
N TRP C 152 -46.23 28.74 -16.27
CA TRP C 152 -45.84 30.14 -16.18
C TRP C 152 -46.92 31.00 -16.83
N LYS C 153 -47.29 32.08 -16.16
CA LYS C 153 -48.32 32.99 -16.63
C LYS C 153 -47.74 34.39 -16.78
N ALA C 154 -48.20 35.11 -17.79
CA ALA C 154 -47.89 36.52 -17.98
C ALA C 154 -49.23 37.25 -18.02
N ASP C 155 -49.64 37.80 -16.89
CA ASP C 155 -50.96 38.41 -16.74
C ASP C 155 -52.07 37.37 -16.94
N SER C 156 -51.94 36.27 -16.21
CA SER C 156 -52.94 35.20 -16.17
C SER C 156 -53.16 34.53 -17.52
N SER C 157 -52.23 34.71 -18.46
CA SER C 157 -52.27 33.95 -19.71
C SER C 157 -51.07 33.00 -19.78
N PRO C 158 -51.23 31.82 -20.38
CA PRO C 158 -50.15 30.82 -20.30
C PRO C 158 -48.92 31.24 -21.10
N VAL C 159 -47.76 30.98 -20.52
CA VAL C 159 -46.47 31.15 -21.20
C VAL C 159 -45.95 29.77 -21.56
N LYS C 160 -45.65 29.58 -22.85
CA LYS C 160 -45.15 28.31 -23.35
C LYS C 160 -43.68 28.34 -23.77
N ALA C 161 -43.11 29.52 -23.99
CA ALA C 161 -41.75 29.65 -24.47
C ALA C 161 -40.90 30.39 -23.45
N GLY C 162 -39.61 30.08 -23.45
CA GLY C 162 -38.69 30.66 -22.49
C GLY C 162 -38.57 29.91 -21.20
N VAL C 163 -39.04 28.66 -21.14
CA VAL C 163 -39.12 27.90 -19.90
C VAL C 163 -38.10 26.77 -19.93
N GLU C 164 -37.46 26.53 -18.79
CA GLU C 164 -36.57 25.40 -18.59
C GLU C 164 -36.73 24.94 -17.15
N THR C 165 -37.14 23.69 -16.96
CA THR C 165 -37.43 23.15 -15.64
C THR C 165 -36.58 21.91 -15.38
N THR C 166 -36.04 21.83 -14.17
CA THR C 166 -35.27 20.66 -13.79
C THR C 166 -36.19 19.52 -13.38
N THR C 167 -35.67 18.31 -13.43
CA THR C 167 -36.37 17.15 -12.89
C THR C 167 -36.15 17.07 -11.38
N PRO C 168 -37.20 16.81 -10.60
CA PRO C 168 -37.04 16.81 -9.14
C PRO C 168 -35.90 15.92 -8.69
N SER C 169 -35.31 16.26 -7.56
CA SER C 169 -34.17 15.52 -7.02
C SER C 169 -34.18 15.65 -5.50
N LYS C 170 -33.77 14.59 -4.83
CA LYS C 170 -33.70 14.61 -3.37
C LYS C 170 -32.81 15.75 -2.89
N GLN C 171 -32.93 16.05 -1.60
CA GLN C 171 -32.04 16.98 -0.92
C GLN C 171 -31.61 16.35 0.40
N SER C 172 -30.78 17.08 1.15
CA SER C 172 -30.15 16.52 2.33
C SER C 172 -31.16 15.96 3.33
N ASN C 173 -32.40 16.43 3.29
CA ASN C 173 -33.45 15.94 4.18
C ASN C 173 -34.32 14.87 3.51
N ASN C 174 -33.94 14.42 2.33
CA ASN C 174 -34.59 13.37 1.55
C ASN C 174 -35.93 13.79 0.96
N LYS C 175 -36.33 15.06 1.10
CA LYS C 175 -37.49 15.54 0.37
C LYS C 175 -37.05 15.96 -1.03
N TYR C 176 -38.02 16.27 -1.87
CA TYR C 176 -37.75 16.60 -3.27
C TYR C 176 -37.74 18.10 -3.49
N ALA C 177 -36.90 18.52 -4.44
CA ALA C 177 -36.77 19.93 -4.78
C ALA C 177 -36.56 20.04 -6.29
N ALA C 178 -37.29 20.95 -6.91
CA ALA C 178 -37.16 21.24 -8.33
C ALA C 178 -37.04 22.75 -8.52
N SER C 179 -36.86 23.16 -9.78
CA SER C 179 -36.68 24.58 -10.09
C SER C 179 -37.00 24.82 -11.56
N SER C 180 -37.80 25.84 -11.81
CA SER C 180 -38.10 26.29 -13.17
C SER C 180 -37.46 27.65 -13.41
N TYR C 181 -37.40 28.04 -14.68
CA TYR C 181 -36.80 29.30 -15.09
C TYR C 181 -37.56 29.85 -16.27
N LEU C 182 -37.99 31.10 -16.17
CA LEU C 182 -38.57 31.85 -17.29
C LEU C 182 -37.55 32.90 -17.72
N SER C 183 -37.10 32.82 -18.97
CA SER C 183 -36.13 33.74 -19.52
C SER C 183 -36.85 34.81 -20.32
N LEU C 184 -36.58 36.07 -19.97
CA LEU C 184 -37.27 37.19 -20.61
C LEU C 184 -36.26 38.30 -20.90
N THR C 185 -36.63 39.14 -21.86
CA THR C 185 -35.92 40.40 -22.08
C THR C 185 -36.46 41.46 -21.12
N PRO C 186 -35.66 42.45 -20.75
CA PRO C 186 -36.16 43.51 -19.86
C PRO C 186 -37.35 44.26 -20.43
N GLU C 187 -37.51 44.29 -21.76
CA GLU C 187 -38.69 44.91 -22.34
C GLU C 187 -39.93 44.07 -22.08
N GLN C 188 -39.77 42.74 -22.10
CA GLN C 188 -40.89 41.86 -21.73
C GLN C 188 -41.20 41.99 -20.24
N TRP C 189 -40.16 41.91 -19.41
CA TRP C 189 -40.33 42.06 -17.96
C TRP C 189 -41.14 43.30 -17.63
N LYS C 190 -40.71 44.46 -18.13
CA LYS C 190 -41.42 45.70 -17.83
C LYS C 190 -42.77 45.81 -18.55
N SER C 191 -42.98 45.01 -19.61
CA SER C 191 -44.18 45.16 -20.41
C SER C 191 -45.43 44.71 -19.65
N HIS C 192 -45.38 43.52 -19.07
CA HIS C 192 -46.54 42.93 -18.41
C HIS C 192 -46.62 43.35 -16.96
N ARG C 193 -47.83 43.29 -16.41
CA ARG C 193 -48.06 43.73 -15.04
C ARG C 193 -47.63 42.69 -14.02
N SER C 194 -47.64 41.41 -14.38
CA SER C 194 -47.26 40.37 -13.42
C SER C 194 -46.90 39.09 -14.16
N TYR C 195 -46.06 38.27 -13.52
CA TYR C 195 -45.70 36.94 -13.98
C TYR C 195 -45.89 35.97 -12.83
N SER C 196 -46.35 34.76 -13.13
CA SER C 196 -46.75 33.81 -12.11
C SER C 196 -46.19 32.42 -12.39
N CYS C 197 -45.79 31.73 -11.32
CA CYS C 197 -45.31 30.37 -11.38
C CYS C 197 -46.28 29.48 -10.62
N GLN C 198 -47.00 28.63 -11.34
CA GLN C 198 -47.99 27.73 -10.75
C GLN C 198 -47.37 26.34 -10.59
N VAL C 199 -47.41 25.82 -9.36
CA VAL C 199 -46.81 24.54 -9.04
C VAL C 199 -47.93 23.61 -8.55
N THR C 200 -48.29 22.64 -9.38
CA THR C 200 -49.36 21.70 -9.09
C THR C 200 -48.77 20.41 -8.53
N HIS C 201 -49.12 20.09 -7.28
CA HIS C 201 -48.60 18.91 -6.60
C HIS C 201 -49.69 18.31 -5.72
N GLU C 202 -50.23 17.16 -6.16
CA GLU C 202 -51.21 16.41 -5.38
C GLU C 202 -52.50 17.19 -5.24
N GLY C 203 -53.10 17.58 -6.36
CA GLY C 203 -54.34 18.32 -6.34
C GLY C 203 -54.17 19.80 -6.06
N SER C 204 -53.28 20.13 -5.14
CA SER C 204 -53.02 21.52 -4.79
C SER C 204 -52.31 22.25 -5.92
N THR C 205 -52.43 23.57 -5.92
CA THR C 205 -51.78 24.40 -6.93
C THR C 205 -51.37 25.71 -6.29
N VAL C 206 -50.12 25.79 -5.85
CA VAL C 206 -49.57 27.04 -5.32
C VAL C 206 -49.15 27.92 -6.49
N GLU C 207 -49.58 29.18 -6.48
CA GLU C 207 -49.17 30.18 -7.46
C GLU C 207 -48.55 31.36 -6.73
N LYS C 208 -47.26 31.57 -6.97
CA LYS C 208 -46.58 32.80 -6.56
C LYS C 208 -46.53 33.77 -7.74
N THR C 209 -46.56 35.06 -7.42
CA THR C 209 -46.56 36.10 -8.43
C THR C 209 -45.53 37.17 -8.08
N VAL C 210 -44.92 37.72 -9.13
CA VAL C 210 -44.01 38.85 -9.00
C VAL C 210 -44.38 39.89 -10.06
N ALA C 211 -44.12 41.15 -9.74
CA ALA C 211 -44.43 42.24 -10.64
C ALA C 211 -43.21 43.14 -10.80
N PRO C 212 -43.07 43.80 -11.95
CA PRO C 212 -41.97 44.77 -12.09
C PRO C 212 -42.13 45.95 -11.14
N THR C 213 -43.35 46.27 -10.75
CA THR C 213 -43.66 47.44 -9.94
C THR C 213 -43.40 47.23 -8.46
N GLU C 214 -42.87 46.08 -8.07
CA GLU C 214 -42.51 45.84 -6.67
C GLU C 214 -41.16 46.48 -6.37
N CYS C 215 -40.40 45.90 -5.45
CA CYS C 215 -39.09 46.41 -5.09
C CYS C 215 -37.99 45.51 -5.63
N VAL D 2 -5.67 7.65 2.76
CA VAL D 2 -5.58 7.20 1.38
C VAL D 2 -6.57 7.99 0.51
N GLN D 3 -6.03 8.70 -0.48
CA GLN D 3 -6.83 9.57 -1.33
C GLN D 3 -6.29 9.55 -2.75
N LEU D 4 -7.18 9.83 -3.70
CA LEU D 4 -6.85 9.86 -5.12
C LEU D 4 -7.54 11.07 -5.74
N ARG D 5 -6.76 11.92 -6.42
CA ARG D 5 -7.27 13.17 -6.96
C ARG D 5 -7.00 13.20 -8.46
N GLU D 6 -8.08 13.32 -9.24
CA GLU D 6 -7.95 13.41 -10.69
C GLU D 6 -7.66 14.85 -11.09
N SER D 7 -6.68 15.02 -12.00
CA SER D 7 -6.32 16.32 -12.52
C SER D 7 -6.30 16.26 -14.04
N GLY D 8 -6.59 17.38 -14.67
CA GLY D 8 -6.59 17.46 -16.11
C GLY D 8 -7.66 18.40 -16.63
N PRO D 9 -7.81 18.45 -17.95
CA PRO D 9 -8.82 19.35 -18.52
C PRO D 9 -10.23 18.85 -18.24
N SER D 10 -11.16 19.80 -18.16
CA SER D 10 -12.57 19.51 -18.04
C SER D 10 -13.32 19.69 -19.35
N LEU D 11 -12.69 20.31 -20.34
CA LEU D 11 -13.22 20.40 -21.69
C LEU D 11 -12.16 19.90 -22.66
N VAL D 12 -12.59 19.18 -23.69
CA VAL D 12 -11.69 18.69 -24.74
C VAL D 12 -12.46 18.71 -26.05
N LYS D 13 -11.77 19.04 -27.11
CA LYS D 13 -12.46 19.10 -28.40
C LYS D 13 -12.46 17.73 -29.07
N PRO D 14 -13.44 17.45 -29.93
CA PRO D 14 -13.48 16.14 -30.58
C PRO D 14 -12.21 15.86 -31.35
N SER D 15 -11.89 14.57 -31.47
CA SER D 15 -10.74 14.06 -32.21
C SER D 15 -9.41 14.38 -31.53
N GLN D 16 -9.42 15.13 -30.43
CA GLN D 16 -8.20 15.40 -29.69
C GLN D 16 -7.91 14.22 -28.76
N THR D 17 -6.99 14.42 -27.81
CA THR D 17 -6.58 13.37 -26.89
C THR D 17 -6.84 13.84 -25.47
N LEU D 18 -7.77 13.16 -24.78
CA LEU D 18 -7.99 13.44 -23.36
C LEU D 18 -6.83 12.89 -22.55
N SER D 19 -6.30 13.71 -21.64
CA SER D 19 -5.20 13.31 -20.78
C SER D 19 -5.51 13.71 -19.35
N LEU D 20 -5.41 12.75 -18.44
CA LEU D 20 -5.64 13.01 -17.02
C LEU D 20 -4.43 12.52 -16.23
N THR D 21 -4.33 12.98 -14.99
CA THR D 21 -3.33 12.50 -14.06
C THR D 21 -3.96 12.36 -12.69
N CYS D 22 -3.62 11.29 -11.99
CA CYS D 22 -4.15 11.01 -10.66
C CYS D 22 -3.00 11.11 -9.66
N THR D 23 -3.12 12.05 -8.72
CA THR D 23 -2.12 12.23 -7.67
C THR D 23 -2.59 11.49 -6.42
N THR D 24 -1.74 10.58 -5.93
CA THR D 24 -2.11 9.68 -4.86
C THR D 24 -1.48 10.11 -3.55
N SER D 25 -2.18 9.83 -2.45
CA SER D 25 -1.71 10.14 -1.12
C SER D 25 -2.22 9.09 -0.15
N GLY D 26 -1.64 9.07 1.05
CA GLY D 26 -1.99 8.11 2.06
C GLY D 26 -1.41 6.72 1.86
N PHE D 27 -0.96 6.40 0.65
CA PHE D 27 -0.28 5.14 0.39
C PHE D 27 0.81 5.41 -0.64
N SER D 28 1.53 4.36 -1.02
CA SER D 28 2.62 4.45 -1.99
C SER D 28 2.26 3.60 -3.20
N LEU D 29 2.27 4.22 -4.38
CA LEU D 29 2.00 3.47 -5.61
C LEU D 29 2.97 2.32 -5.80
N SER D 30 4.04 2.25 -5.01
CA SER D 30 4.96 1.12 -5.03
C SER D 30 4.46 -0.05 -4.18
N ASP D 31 3.19 -0.04 -3.77
CA ASP D 31 2.64 -1.22 -3.09
C ASP D 31 1.14 -1.40 -3.32
N LYS D 32 0.54 -0.72 -4.30
CA LYS D 32 -0.87 -0.91 -4.63
C LYS D 32 -1.12 -0.57 -6.08
N THR D 33 -2.04 -1.30 -6.70
CA THR D 33 -2.46 -1.06 -8.06
C THR D 33 -3.40 0.14 -8.11
N VAL D 34 -3.57 0.69 -9.31
CA VAL D 34 -4.45 1.82 -9.55
C VAL D 34 -5.08 1.66 -10.92
N GLY D 35 -6.32 2.14 -11.05
CA GLY D 35 -7.06 2.00 -12.29
C GLY D 35 -7.95 3.19 -12.53
N TRP D 36 -8.61 3.18 -13.69
CA TRP D 36 -9.47 4.27 -14.11
C TRP D 36 -10.83 3.72 -14.50
N VAL D 37 -11.88 4.22 -13.85
CA VAL D 37 -13.25 3.94 -14.25
C VAL D 37 -13.85 5.24 -14.77
N ARG D 38 -14.85 5.11 -15.63
CA ARG D 38 -15.58 6.26 -16.14
C ARG D 38 -17.06 5.91 -16.22
N GLN D 39 -17.91 6.92 -16.05
CA GLN D 39 -19.35 6.76 -16.17
C GLN D 39 -19.92 7.93 -16.96
N ALA D 40 -20.54 7.63 -18.08
CA ALA D 40 -21.21 8.66 -18.87
C ALA D 40 -22.55 9.02 -18.22
N PRO D 41 -23.05 10.22 -18.50
CA PRO D 41 -24.36 10.61 -17.95
C PRO D 41 -25.44 9.61 -18.35
N GLY D 42 -26.21 9.17 -17.36
CA GLY D 42 -27.30 8.25 -17.58
C GLY D 42 -26.91 6.83 -17.88
N LYS D 43 -25.65 6.55 -18.20
CA LYS D 43 -25.18 5.22 -18.49
C LYS D 43 -24.50 4.63 -17.26
N ALA D 44 -24.00 3.40 -17.41
CA ALA D 44 -23.44 2.66 -16.30
C ALA D 44 -21.93 2.84 -16.21
N LEU D 45 -21.36 2.35 -15.12
CA LEU D 45 -19.91 2.36 -14.96
C LEU D 45 -19.24 1.60 -16.09
N GLU D 46 -18.07 2.09 -16.51
CA GLU D 46 -17.30 1.45 -17.58
C GLU D 46 -15.84 1.39 -17.18
N TRP D 47 -15.26 0.21 -17.25
CA TRP D 47 -13.86 0.01 -16.89
C TRP D 47 -12.95 0.43 -18.03
N LEU D 48 -11.76 0.92 -17.67
CA LEU D 48 -10.79 1.40 -18.64
C LEU D 48 -9.47 0.66 -18.57
N GLY D 49 -8.84 0.60 -17.40
CA GLY D 49 -7.60 -0.13 -17.27
C GLY D 49 -6.98 0.09 -15.91
N SER D 50 -5.80 -0.50 -15.73
CA SER D 50 -5.08 -0.40 -14.48
C SER D 50 -3.60 -0.64 -14.74
N THR D 51 -2.79 -0.42 -13.69
CA THR D 51 -1.35 -0.68 -13.74
C THR D 51 -0.88 -0.88 -12.31
N ASP D 52 -0.17 -1.99 -12.07
CA ASP D 52 0.16 -2.42 -10.73
C ASP D 52 1.56 -1.92 -10.35
N THR D 53 2.11 -2.48 -9.27
CA THR D 53 3.46 -2.10 -8.85
C THR D 53 4.51 -2.56 -9.84
N SER D 54 4.26 -3.69 -10.53
CA SER D 54 5.19 -4.24 -11.50
C SER D 54 4.92 -3.72 -12.92
N GLY D 55 4.28 -2.57 -13.04
CA GLY D 55 4.14 -1.90 -14.32
C GLY D 55 3.33 -2.62 -15.38
N ASN D 56 2.68 -3.72 -15.01
CA ASN D 56 1.87 -4.48 -15.96
C ASN D 56 0.49 -3.84 -16.08
N THR D 57 0.16 -3.39 -17.30
CA THR D 57 -1.06 -2.64 -17.55
C THR D 57 -2.06 -3.49 -18.33
N GLY D 58 -3.30 -3.50 -17.89
CA GLY D 58 -4.38 -4.16 -18.59
C GLY D 58 -5.47 -3.17 -18.93
N TYR D 59 -6.17 -3.42 -20.04
CA TYR D 59 -7.16 -2.51 -20.56
C TYR D 59 -8.45 -3.24 -20.89
N ASN D 60 -9.53 -2.47 -20.98
CA ASN D 60 -10.79 -2.99 -21.48
C ASN D 60 -10.58 -3.50 -22.90
N PRO D 61 -10.89 -4.77 -23.19
CA PRO D 61 -10.65 -5.28 -24.55
C PRO D 61 -11.27 -4.44 -25.65
N GLY D 62 -12.49 -3.94 -25.45
CA GLY D 62 -13.14 -3.13 -26.46
C GLY D 62 -12.58 -1.75 -26.64
N LEU D 63 -11.78 -1.27 -25.69
CA LEU D 63 -11.23 0.08 -25.74
C LEU D 63 -9.71 0.13 -25.61
N LYS D 64 -9.03 -1.02 -25.56
CA LYS D 64 -7.59 -1.02 -25.36
C LYS D 64 -6.86 -0.28 -26.48
N SER D 65 -7.44 -0.24 -27.68
CA SER D 65 -6.76 0.38 -28.81
C SER D 65 -6.55 1.87 -28.58
N ARG D 66 -7.48 2.54 -27.90
CA ARG D 66 -7.46 3.99 -27.76
C ARG D 66 -6.91 4.46 -26.42
N LEU D 67 -6.53 3.54 -25.53
CA LEU D 67 -6.16 3.90 -24.18
C LEU D 67 -4.68 3.71 -23.93
N SER D 68 -4.15 4.45 -22.97
CA SER D 68 -2.78 4.32 -22.51
C SER D 68 -2.72 4.76 -21.06
N ILE D 69 -2.24 3.88 -20.19
CA ILE D 69 -2.14 4.15 -18.76
C ILE D 69 -0.69 3.96 -18.34
N THR D 70 -0.12 4.98 -17.70
CA THR D 70 1.26 4.97 -17.25
C THR D 70 1.31 5.42 -15.80
N LYS D 71 2.51 5.43 -15.23
CA LYS D 71 2.66 5.83 -13.84
C LYS D 71 4.10 6.26 -13.60
N ASP D 72 4.29 7.04 -12.53
CA ASP D 72 5.62 7.47 -12.08
C ASP D 72 5.62 7.38 -10.56
N ASN D 73 6.17 6.28 -10.04
CA ASN D 73 6.19 6.08 -8.59
C ASN D 73 6.90 7.21 -7.86
N SER D 74 7.73 7.98 -8.55
CA SER D 74 8.41 9.10 -7.90
C SER D 74 7.45 10.26 -7.66
N LYS D 75 6.75 10.68 -8.72
CA LYS D 75 5.76 11.74 -8.63
C LYS D 75 4.45 11.27 -8.01
N SER D 76 4.40 10.04 -7.52
CA SER D 76 3.17 9.41 -7.06
C SER D 76 1.99 9.82 -7.93
N GLN D 77 2.09 9.43 -9.21
CA GLN D 77 1.13 9.90 -10.20
C GLN D 77 0.88 8.83 -11.25
N VAL D 78 -0.38 8.48 -11.44
CA VAL D 78 -0.82 7.63 -12.55
C VAL D 78 -1.40 8.55 -13.62
N SER D 79 -1.37 8.10 -14.87
CA SER D 79 -1.82 8.89 -15.99
C SER D 79 -2.72 8.07 -16.89
N LEU D 80 -3.61 8.77 -17.59
CA LEU D 80 -4.56 8.16 -18.51
C LEU D 80 -4.59 8.98 -19.79
N SER D 81 -4.83 8.31 -20.91
CA SER D 81 -4.91 9.00 -22.19
C SER D 81 -5.90 8.29 -23.09
N VAL D 82 -6.79 9.07 -23.71
CA VAL D 82 -7.77 8.57 -24.67
C VAL D 82 -7.56 9.31 -25.97
N SER D 83 -7.42 8.57 -27.07
CA SER D 83 -7.12 9.15 -28.37
C SER D 83 -8.40 9.37 -29.17
N SER D 84 -8.40 10.44 -29.96
CA SER D 84 -9.53 10.82 -30.78
C SER D 84 -10.86 10.58 -30.07
N VAL D 85 -11.16 11.41 -29.08
CA VAL D 85 -12.38 11.23 -28.30
C VAL D 85 -13.58 11.75 -29.08
N SER D 86 -14.76 11.29 -28.68
CA SER D 86 -16.03 11.73 -29.25
C SER D 86 -16.99 12.04 -28.10
N THR D 87 -18.19 12.48 -28.45
CA THR D 87 -19.20 12.78 -27.43
C THR D 87 -19.45 11.57 -26.53
N ALA D 88 -19.26 10.36 -27.06
CA ALA D 88 -19.41 9.15 -26.25
C ALA D 88 -18.37 9.05 -25.15
N ASP D 89 -17.34 9.90 -25.17
CA ASP D 89 -16.32 9.91 -24.13
C ASP D 89 -16.62 10.91 -23.02
N SER D 90 -17.60 11.80 -23.22
CA SER D 90 -18.04 12.70 -22.16
C SER D 90 -18.50 11.88 -20.96
N ALA D 91 -17.79 11.98 -19.85
CA ALA D 91 -18.10 11.16 -18.68
C ALA D 91 -17.32 11.69 -17.49
N THR D 92 -17.70 11.21 -16.30
CA THR D 92 -16.96 11.48 -15.08
C THR D 92 -15.91 10.40 -14.91
N TYR D 93 -14.64 10.80 -14.88
CA TYR D 93 -13.51 9.88 -14.85
C TYR D 93 -12.97 9.78 -13.43
N TYR D 94 -12.97 8.58 -12.89
CA TYR D 94 -12.57 8.32 -11.50
C TYR D 94 -11.23 7.60 -11.47
N CYS D 95 -10.37 8.03 -10.57
CA CYS D 95 -9.13 7.31 -10.27
C CYS D 95 -9.38 6.41 -9.07
N THR D 96 -9.07 5.12 -9.24
CA THR D 96 -9.40 4.12 -8.23
C THR D 96 -8.19 3.27 -7.91
N THR D 97 -8.12 2.83 -6.66
CA THR D 97 -7.24 1.74 -6.27
C THR D 97 -8.01 0.42 -6.40
N VAL D 98 -7.28 -0.66 -6.64
CA VAL D 98 -7.88 -1.98 -6.74
C VAL D 98 -7.20 -2.89 -5.72
N ARG D 99 -7.93 -3.94 -5.33
CA ARG D 99 -7.41 -4.94 -4.40
C ARG D 99 -7.27 -6.26 -5.14
N GLN D 100 -6.04 -6.74 -5.26
CA GLN D 100 -5.75 -8.02 -5.91
C GLN D 100 -5.45 -9.06 -4.85
N GLN D 101 -6.25 -10.13 -4.84
CA GLN D 101 -6.06 -11.24 -3.91
C GLN D 101 -5.97 -12.53 -4.72
N THR D 102 -4.84 -13.24 -4.59
CA THR D 102 -4.71 -14.54 -5.22
C THR D 102 -5.32 -15.60 -4.31
N ARG D 103 -6.22 -16.40 -4.87
CA ARG D 103 -6.94 -17.44 -4.13
C ARG D 103 -6.47 -18.80 -4.61
N LYS D 104 -6.12 -19.66 -3.66
CA LYS D 104 -5.66 -21.02 -3.94
C LYS D 104 -6.82 -21.99 -3.83
N SER D 105 -6.98 -22.86 -4.81
CA SER D 105 -8.02 -23.88 -4.79
C SER D 105 -7.45 -25.17 -5.39
N CYS D 106 -8.06 -26.28 -5.02
CA CYS D 106 -7.62 -27.60 -5.42
C CYS D 106 -8.70 -28.32 -6.21
N PRO D 107 -8.33 -29.31 -7.02
CA PRO D 107 -9.34 -30.13 -7.69
C PRO D 107 -10.27 -30.79 -6.69
N ASP D 108 -11.41 -31.27 -7.20
CA ASP D 108 -12.37 -31.94 -6.34
C ASP D 108 -11.74 -33.17 -5.72
N GLY D 109 -11.99 -33.36 -4.42
CA GLY D 109 -11.41 -34.45 -3.67
C GLY D 109 -10.07 -34.15 -3.05
N TRP D 110 -9.39 -33.11 -3.52
CA TRP D 110 -8.13 -32.66 -2.93
C TRP D 110 -8.40 -31.49 -1.98
N THR D 111 -7.47 -31.29 -1.05
CA THR D 111 -7.62 -30.25 -0.05
C THR D 111 -6.30 -29.50 0.11
N LEU D 112 -6.39 -28.19 0.31
CA LEU D 112 -5.20 -27.37 0.49
C LEU D 112 -4.44 -27.79 1.75
N ALA D 113 -3.21 -27.29 1.85
CA ALA D 113 -2.35 -27.69 2.96
C ALA D 113 -2.86 -27.15 4.29
N LYS D 114 -3.32 -25.89 4.30
CA LYS D 114 -3.84 -25.32 5.54
C LYS D 114 -5.05 -26.10 6.04
N ASP D 115 -5.95 -26.49 5.12
CA ASP D 115 -7.16 -27.20 5.51
C ASP D 115 -6.83 -28.58 6.04
N CYS D 116 -5.88 -29.27 5.40
CA CYS D 116 -5.37 -30.51 5.97
C CYS D 116 -4.65 -30.30 7.29
N GLY D 117 -4.44 -29.05 7.69
CA GLY D 117 -3.63 -28.76 8.86
C GLY D 117 -2.15 -28.90 8.60
N PHE D 118 -1.69 -28.61 7.38
CA PHE D 118 -0.32 -28.83 6.97
C PHE D 118 0.39 -27.50 6.78
N TYR D 119 1.56 -27.38 7.42
CA TYR D 119 2.39 -26.18 7.33
C TYR D 119 3.84 -26.64 7.17
N GLY D 120 4.71 -25.70 6.85
CA GLY D 120 6.10 -26.03 6.56
C GLY D 120 6.27 -26.41 5.11
N TYR D 121 7.07 -27.44 4.84
CA TYR D 121 7.29 -27.87 3.47
C TYR D 121 5.98 -28.30 2.83
N GLY D 122 5.65 -27.70 1.69
CA GLY D 122 4.40 -27.99 1.02
C GLY D 122 3.20 -27.33 1.63
N SER D 123 3.39 -26.27 2.40
CA SER D 123 2.27 -25.54 3.00
C SER D 123 1.42 -24.82 1.97
N GLU D 124 1.74 -24.95 0.69
CA GLU D 124 0.96 -24.33 -0.38
C GLU D 124 0.51 -25.33 -1.43
N ASP D 125 0.63 -26.63 -1.15
CA ASP D 125 0.32 -27.68 -2.11
C ASP D 125 -0.99 -28.37 -1.76
N CYS D 126 -1.63 -28.93 -2.78
CA CYS D 126 -2.84 -29.72 -2.59
C CYS D 126 -2.48 -31.15 -2.19
N TYR D 127 -3.37 -31.78 -1.42
CA TYR D 127 -3.14 -33.12 -0.89
C TYR D 127 -4.35 -34.00 -1.19
N ASP D 128 -4.08 -35.30 -1.27
CA ASP D 128 -5.12 -36.26 -1.65
C ASP D 128 -5.97 -36.66 -0.46
N ASP D 129 -5.34 -37.08 0.63
CA ASP D 129 -6.05 -37.38 1.87
C ASP D 129 -5.25 -36.82 3.04
N CYS D 130 -5.87 -35.92 3.80
CA CYS D 130 -5.22 -35.35 4.97
C CYS D 130 -5.08 -36.35 6.11
N THR D 131 -5.67 -37.54 5.97
CA THR D 131 -5.64 -38.52 7.05
C THR D 131 -4.24 -39.07 7.26
N ASP D 132 -3.50 -39.27 6.17
CA ASP D 132 -2.12 -39.76 6.24
C ASP D 132 -1.30 -38.98 5.23
N ILE D 133 -0.31 -38.23 5.72
CA ILE D 133 0.52 -37.44 4.82
C ILE D 133 1.53 -38.32 4.08
N LEU D 134 2.01 -39.37 4.74
CA LEU D 134 3.02 -40.23 4.12
C LEU D 134 2.50 -40.88 2.85
N SER D 135 1.21 -41.19 2.80
CA SER D 135 0.63 -41.91 1.66
C SER D 135 -0.21 -41.01 0.76
N SER D 136 -0.11 -39.70 0.90
CA SER D 136 -0.88 -38.77 0.10
C SER D 136 -0.01 -38.16 -0.99
N ASN D 137 -0.63 -37.91 -2.15
CA ASN D 137 0.05 -37.30 -3.28
C ASN D 137 -0.03 -35.78 -3.17
N THR D 138 0.99 -35.11 -3.69
CA THR D 138 1.10 -33.66 -3.62
C THR D 138 1.04 -33.07 -5.03
N LEU D 139 0.17 -32.08 -5.21
CA LEU D 139 0.07 -31.34 -6.46
C LEU D 139 0.24 -29.86 -6.19
N SER D 140 0.57 -29.11 -7.24
CA SER D 140 0.64 -27.66 -7.10
C SER D 140 -0.75 -27.05 -7.29
N PRO D 141 -1.13 -26.08 -6.48
CA PRO D 141 -2.52 -25.60 -6.50
C PRO D 141 -2.82 -24.78 -7.76
N THR D 142 -4.10 -24.61 -8.01
CA THR D 142 -4.58 -23.76 -9.09
C THR D 142 -4.72 -22.34 -8.54
N THR D 143 -3.96 -21.41 -9.12
CA THR D 143 -3.91 -20.03 -8.63
C THR D 143 -4.85 -19.17 -9.47
N THR D 144 -5.87 -18.62 -8.81
CA THR D 144 -6.82 -17.72 -9.45
C THR D 144 -6.64 -16.32 -8.86
N HIS D 145 -6.82 -15.30 -9.69
CA HIS D 145 -6.59 -13.91 -9.31
C HIS D 145 -7.93 -13.23 -9.12
N GLU D 146 -8.16 -12.70 -7.92
CA GLU D 146 -9.42 -12.09 -7.53
C GLU D 146 -9.23 -10.59 -7.39
N PHE D 147 -10.16 -9.81 -7.96
CA PHE D 147 -9.94 -8.40 -8.23
C PHE D 147 -11.13 -7.59 -7.77
N ASN D 148 -10.86 -6.51 -7.03
CA ASN D 148 -11.89 -5.57 -6.62
C ASN D 148 -11.38 -4.14 -6.76
N VAL D 149 -12.29 -3.23 -7.08
CA VAL D 149 -12.03 -1.80 -6.94
C VAL D 149 -12.26 -1.42 -5.48
N ASP D 150 -11.25 -0.81 -4.87
CA ASP D 150 -11.29 -0.53 -3.43
C ASP D 150 -11.70 0.91 -3.15
N ALA D 151 -10.74 1.82 -3.11
CA ALA D 151 -11.01 3.23 -2.86
C ALA D 151 -11.28 3.96 -4.16
N TRP D 152 -12.01 5.07 -4.05
CA TRP D 152 -12.38 5.88 -5.20
C TRP D 152 -11.91 7.32 -5.01
N GLY D 153 -11.74 8.02 -6.12
CA GLY D 153 -11.49 9.44 -6.12
C GLY D 153 -12.76 10.21 -6.43
N GLN D 154 -12.73 11.51 -6.12
CA GLN D 154 -13.94 12.33 -6.25
C GLN D 154 -14.42 12.45 -7.69
N GLY D 155 -13.67 11.99 -8.67
CA GLY D 155 -14.07 12.09 -10.05
C GLY D 155 -13.85 13.47 -10.63
N LEU D 156 -13.84 13.53 -11.96
CA LEU D 156 -13.64 14.78 -12.68
C LEU D 156 -14.51 14.73 -13.93
N LEU D 157 -15.62 15.46 -13.91
CA LEU D 157 -16.49 15.50 -15.07
C LEU D 157 -15.76 16.10 -16.26
N VAL D 158 -15.60 15.31 -17.31
CA VAL D 158 -14.95 15.76 -18.55
C VAL D 158 -16.00 15.78 -19.65
N THR D 159 -16.00 16.83 -20.44
CA THR D 159 -16.92 17.01 -21.55
C THR D 159 -16.14 17.07 -22.85
N VAL D 160 -16.71 16.50 -23.91
CA VAL D 160 -16.12 16.51 -25.24
C VAL D 160 -17.06 17.31 -26.13
N SER D 161 -16.62 18.49 -26.55
CA SER D 161 -17.47 19.38 -27.34
C SER D 161 -16.59 20.35 -28.12
N SER D 162 -17.08 20.73 -29.30
CA SER D 162 -16.41 21.73 -30.11
C SER D 162 -16.64 23.15 -29.62
N ALA D 163 -17.49 23.35 -28.61
CA ALA D 163 -17.71 24.65 -28.04
C ALA D 163 -16.58 24.98 -27.05
N SER D 164 -16.51 26.27 -26.69
CA SER D 164 -15.42 26.77 -25.85
C SER D 164 -15.92 27.01 -24.43
N THR D 165 -15.00 26.88 -23.47
CA THR D 165 -15.31 27.14 -22.08
C THR D 165 -15.93 28.52 -21.92
N LYS D 166 -16.76 28.66 -20.88
CA LYS D 166 -17.35 29.96 -20.54
C LYS D 166 -17.63 30.00 -19.05
N GLY D 167 -17.23 31.09 -18.41
CA GLY D 167 -17.42 31.26 -16.99
C GLY D 167 -18.82 31.74 -16.65
N PRO D 168 -19.22 31.59 -15.39
CA PRO D 168 -20.59 31.91 -14.99
C PRO D 168 -20.78 33.38 -14.63
N SER D 169 -22.03 33.83 -14.77
CA SER D 169 -22.46 35.13 -14.29
C SER D 169 -23.31 34.89 -13.05
N VAL D 170 -22.81 35.28 -11.89
CA VAL D 170 -23.49 35.04 -10.63
C VAL D 170 -24.37 36.26 -10.30
N PHE D 171 -25.66 36.03 -10.13
CA PHE D 171 -26.61 37.03 -9.72
C PHE D 171 -27.21 36.65 -8.37
N PRO D 172 -27.62 37.62 -7.57
CA PRO D 172 -28.20 37.31 -6.26
C PRO D 172 -29.69 37.01 -6.38
N LEU D 173 -30.17 36.17 -5.48
CA LEU D 173 -31.60 35.89 -5.31
C LEU D 173 -31.93 36.43 -3.92
N ALA D 174 -32.27 37.71 -3.85
CA ALA D 174 -32.47 38.42 -2.59
C ALA D 174 -33.91 38.26 -2.12
N PRO D 175 -34.13 37.95 -0.83
CA PRO D 175 -35.49 37.74 -0.36
C PRO D 175 -36.20 39.07 -0.10
N SER D 176 -37.35 39.26 -0.76
CA SER D 176 -38.18 40.41 -0.49
C SER D 176 -38.97 40.20 0.80
N SER D 177 -39.65 41.26 1.24
CA SER D 177 -40.46 41.16 2.44
C SER D 177 -41.68 40.27 2.23
N LYS D 178 -42.12 40.10 0.99
CA LYS D 178 -43.22 39.20 0.68
C LYS D 178 -42.77 37.78 0.36
N SER D 179 -41.46 37.54 0.25
CA SER D 179 -40.94 36.22 -0.04
C SER D 179 -40.32 35.57 1.19
N THR D 180 -40.89 35.83 2.36
CA THR D 180 -40.50 35.18 3.60
C THR D 180 -41.57 34.18 4.02
N SER D 181 -41.17 33.23 4.87
CA SER D 181 -42.10 32.27 5.45
C SER D 181 -42.04 32.34 6.97
N GLY D 182 -42.27 33.54 7.52
CA GLY D 182 -42.30 33.76 8.95
C GLY D 182 -41.35 32.91 9.77
N GLY D 183 -40.21 33.46 10.14
CA GLY D 183 -39.22 32.75 10.90
C GLY D 183 -38.07 32.19 10.08
N THR D 184 -38.29 31.99 8.78
CA THR D 184 -37.24 31.56 7.87
C THR D 184 -37.47 32.20 6.52
N ALA D 185 -36.39 32.41 5.78
CA ALA D 185 -36.45 33.00 4.45
C ALA D 185 -35.47 32.28 3.54
N ALA D 186 -35.79 32.23 2.25
CA ALA D 186 -35.00 31.52 1.25
C ALA D 186 -34.31 32.54 0.35
N LEU D 187 -32.98 32.62 0.47
CA LEU D 187 -32.16 33.47 -0.39
C LEU D 187 -31.16 32.60 -1.13
N GLY D 188 -30.85 32.99 -2.37
CA GLY D 188 -30.01 32.17 -3.20
C GLY D 188 -29.10 32.91 -4.17
N CYS D 189 -28.46 32.18 -5.08
CA CYS D 189 -27.61 32.75 -6.10
C CYS D 189 -27.88 32.07 -7.43
N LEU D 190 -28.18 32.85 -8.45
CA LEU D 190 -28.43 32.34 -9.79
C LEU D 190 -27.12 32.34 -10.58
N VAL D 191 -26.61 31.15 -10.89
CA VAL D 191 -25.38 30.99 -11.66
C VAL D 191 -25.79 30.76 -13.11
N LYS D 192 -25.72 31.82 -13.92
CA LYS D 192 -26.26 31.80 -15.27
C LYS D 192 -25.15 31.67 -16.31
N ASP D 193 -25.51 31.10 -17.45
CA ASP D 193 -24.66 31.03 -18.63
C ASP D 193 -23.23 30.63 -18.30
N TYR D 194 -22.93 29.33 -18.39
CA TYR D 194 -21.58 28.82 -18.17
C TYR D 194 -21.45 27.50 -18.92
N PHE D 195 -20.21 27.14 -19.23
CA PHE D 195 -19.94 25.91 -19.96
C PHE D 195 -18.47 25.55 -19.84
N PRO D 196 -18.11 24.27 -19.72
CA PRO D 196 -19.01 23.12 -19.54
C PRO D 196 -19.39 22.92 -18.07
N GLU D 197 -20.10 21.84 -17.77
CA GLU D 197 -20.34 21.47 -16.39
C GLU D 197 -19.03 21.00 -15.76
N PRO D 198 -18.96 20.92 -14.42
CA PRO D 198 -19.98 21.23 -13.43
C PRO D 198 -19.70 22.50 -12.62
N VAL D 199 -20.73 23.01 -11.95
CA VAL D 199 -20.60 24.06 -10.95
C VAL D 199 -20.98 23.49 -9.60
N THR D 200 -20.24 23.87 -8.57
CA THR D 200 -20.62 23.62 -7.19
C THR D 200 -20.71 24.95 -6.45
N VAL D 201 -21.55 24.99 -5.42
CA VAL D 201 -21.75 26.20 -4.63
C VAL D 201 -21.67 25.86 -3.15
N SER D 202 -21.18 26.81 -2.37
CA SER D 202 -21.26 26.74 -0.92
C SER D 202 -21.76 28.08 -0.40
N TRP D 203 -21.76 28.27 0.93
CA TRP D 203 -22.33 29.48 1.52
C TRP D 203 -21.52 29.84 2.75
N ASN D 204 -21.13 31.11 2.84
CA ASN D 204 -20.33 31.60 3.96
C ASN D 204 -19.09 30.73 4.15
N SER D 205 -18.47 30.36 3.04
CA SER D 205 -17.29 29.49 3.02
C SER D 205 -17.56 28.23 3.83
N GLY D 206 -18.63 27.53 3.44
CA GLY D 206 -19.02 26.29 4.07
C GLY D 206 -19.52 26.41 5.49
N ALA D 207 -19.50 27.60 6.08
CA ALA D 207 -19.99 27.77 7.44
C ALA D 207 -21.51 27.68 7.52
N LEU D 208 -22.21 27.99 6.43
CA LEU D 208 -23.66 27.92 6.38
C LEU D 208 -24.05 26.67 5.60
N THR D 209 -24.62 25.69 6.31
CA THR D 209 -25.00 24.41 5.72
C THR D 209 -26.48 24.13 5.82
N SER D 210 -27.08 24.32 6.99
CA SER D 210 -28.50 24.04 7.18
C SER D 210 -29.34 24.84 6.19
N GLY D 211 -30.21 24.14 5.47
CA GLY D 211 -31.08 24.76 4.51
C GLY D 211 -30.54 24.84 3.11
N VAL D 212 -29.30 24.41 2.89
CA VAL D 212 -28.64 24.59 1.61
C VAL D 212 -29.02 23.44 0.69
N HIS D 213 -29.38 23.78 -0.55
CA HIS D 213 -29.58 22.77 -1.59
C HIS D 213 -29.26 23.40 -2.94
N THR D 214 -28.22 22.88 -3.61
CA THR D 214 -27.86 23.34 -4.94
C THR D 214 -28.61 22.49 -5.98
N PHE D 215 -29.30 23.16 -6.88
CA PHE D 215 -30.15 22.47 -7.84
C PHE D 215 -29.35 21.99 -9.04
N PRO D 216 -29.80 20.92 -9.70
CA PRO D 216 -29.19 20.54 -10.97
C PRO D 216 -29.31 21.66 -12.00
N ALA D 217 -28.46 21.58 -13.02
CA ALA D 217 -28.38 22.64 -14.02
C ALA D 217 -29.33 22.36 -15.17
N VAL D 218 -29.90 23.44 -15.71
CA VAL D 218 -30.64 23.37 -16.96
C VAL D 218 -29.68 23.71 -18.10
N LEU D 219 -30.07 23.35 -19.32
CA LEU D 219 -29.29 23.65 -20.52
C LEU D 219 -30.18 24.43 -21.47
N GLN D 220 -30.02 25.75 -21.47
CA GLN D 220 -30.81 26.60 -22.35
C GLN D 220 -30.51 26.26 -23.81
N SER D 221 -31.33 26.80 -24.70
CA SER D 221 -31.11 26.63 -26.13
C SER D 221 -29.84 27.33 -26.61
N SER D 222 -29.24 28.17 -25.78
CA SER D 222 -27.97 28.81 -26.09
C SER D 222 -26.78 27.86 -25.95
N GLY D 223 -27.02 26.63 -25.49
CA GLY D 223 -25.95 25.70 -25.24
C GLY D 223 -25.23 25.89 -23.92
N LEU D 224 -25.68 26.83 -23.10
CA LEU D 224 -25.02 27.15 -21.84
C LEU D 224 -25.85 26.63 -20.67
N TYR D 225 -25.17 26.25 -19.60
CA TYR D 225 -25.81 25.73 -18.41
C TYR D 225 -26.06 26.84 -17.41
N SER D 226 -27.12 26.67 -16.61
CA SER D 226 -27.47 27.61 -15.56
C SER D 226 -28.14 26.84 -14.43
N LEU D 227 -27.74 27.14 -13.19
CA LEU D 227 -28.32 26.49 -12.03
C LEU D 227 -28.60 27.52 -10.96
N SER D 228 -29.26 27.09 -9.90
CA SER D 228 -29.52 27.92 -8.73
C SER D 228 -29.07 27.18 -7.48
N SER D 229 -28.78 27.94 -6.44
CA SER D 229 -28.51 27.43 -5.12
C SER D 229 -29.31 28.26 -4.11
N VAL D 230 -29.89 27.59 -3.12
CA VAL D 230 -30.74 28.25 -2.15
C VAL D 230 -30.32 27.83 -0.74
N VAL D 231 -30.64 28.69 0.22
CA VAL D 231 -30.45 28.41 1.64
C VAL D 231 -31.61 29.06 2.38
N THR D 232 -32.03 28.43 3.47
CA THR D 232 -33.11 28.93 4.32
C THR D 232 -32.49 29.43 5.62
N VAL D 233 -32.73 30.71 5.93
CA VAL D 233 -32.10 31.36 7.08
C VAL D 233 -33.17 31.99 7.95
N PRO D 234 -32.93 32.17 9.24
CA PRO D 234 -33.88 32.94 10.06
C PRO D 234 -34.18 34.29 9.44
N SER D 235 -35.47 34.63 9.35
CA SER D 235 -35.87 35.88 8.73
C SER D 235 -35.49 37.09 9.56
N SER D 236 -35.27 36.91 10.87
CA SER D 236 -34.90 38.05 11.71
C SER D 236 -33.51 38.56 11.38
N SER D 237 -32.61 37.69 10.92
CA SER D 237 -31.22 38.04 10.68
C SER D 237 -30.94 38.36 9.21
N LEU D 238 -31.92 38.88 8.49
CA LEU D 238 -31.70 39.19 7.08
C LEU D 238 -30.89 40.45 6.86
N GLY D 239 -30.82 41.34 7.86
CA GLY D 239 -30.08 42.58 7.71
C GLY D 239 -28.83 42.64 8.55
N THR D 240 -28.71 41.73 9.51
CA THR D 240 -27.58 41.72 10.43
C THR D 240 -26.65 40.53 10.22
N GLN D 241 -26.88 39.73 9.18
CA GLN D 241 -26.03 38.60 8.85
C GLN D 241 -25.72 38.66 7.36
N THR D 242 -24.43 38.72 7.02
CA THR D 242 -24.03 38.77 5.62
C THR D 242 -23.99 37.36 5.05
N TYR D 243 -24.63 37.16 3.89
CA TYR D 243 -24.77 35.86 3.28
C TYR D 243 -24.05 35.87 1.93
N ILE D 244 -23.01 35.04 1.82
CA ILE D 244 -22.17 34.98 0.63
C ILE D 244 -22.25 33.57 0.06
N CYS D 245 -22.52 33.47 -1.23
CA CYS D 245 -22.52 32.20 -1.95
C CYS D 245 -21.19 32.06 -2.68
N ASN D 246 -20.46 30.99 -2.36
CA ASN D 246 -19.14 30.75 -2.93
C ASN D 246 -19.28 29.79 -4.10
N VAL D 247 -19.50 30.34 -5.29
CA VAL D 247 -19.57 29.52 -6.49
C VAL D 247 -18.19 29.03 -6.88
N ASN D 248 -18.16 27.91 -7.60
CA ASN D 248 -16.94 27.32 -8.10
C ASN D 248 -17.19 26.72 -9.47
N HIS D 249 -16.23 26.92 -10.40
CA HIS D 249 -16.37 26.46 -11.78
C HIS D 249 -14.97 26.09 -12.27
N LYS D 250 -14.53 24.89 -11.91
CA LYS D 250 -13.21 24.44 -12.33
C LYS D 250 -13.03 24.39 -13.85
N PRO D 251 -14.04 24.07 -14.66
CA PRO D 251 -13.86 24.07 -16.12
C PRO D 251 -13.28 25.38 -16.67
N SER D 252 -13.30 26.45 -15.88
CA SER D 252 -12.66 27.70 -16.27
C SER D 252 -11.84 28.30 -15.13
N ASN D 253 -11.48 27.49 -14.13
CA ASN D 253 -10.70 27.95 -12.98
C ASN D 253 -11.26 29.24 -12.41
N THR D 254 -12.57 29.41 -12.49
CA THR D 254 -13.24 30.56 -11.91
C THR D 254 -13.70 30.24 -10.48
N LYS D 255 -13.85 31.28 -9.67
CA LYS D 255 -14.29 31.13 -8.30
C LYS D 255 -14.87 32.47 -7.85
N VAL D 256 -16.18 32.53 -7.67
CA VAL D 256 -16.91 33.77 -7.42
C VAL D 256 -17.45 33.77 -6.01
N ASP D 257 -17.42 34.95 -5.38
CA ASP D 257 -18.13 35.21 -4.13
C ASP D 257 -19.11 36.34 -4.38
N LYS D 258 -20.36 36.16 -3.96
CA LYS D 258 -21.40 37.16 -4.15
C LYS D 258 -22.10 37.43 -2.83
N LYS D 259 -22.16 38.70 -2.45
CA LYS D 259 -22.95 39.12 -1.29
C LYS D 259 -24.41 39.24 -1.71
N VAL D 260 -25.30 38.58 -0.97
CA VAL D 260 -26.74 38.71 -1.17
C VAL D 260 -27.24 39.67 -0.10
N GLU D 261 -27.52 40.91 -0.51
CA GLU D 261 -28.08 41.92 0.39
C GLU D 261 -29.61 41.87 0.32
N PRO D 262 -30.29 41.95 1.48
CA PRO D 262 -31.75 41.83 1.44
C PRO D 262 -32.39 42.96 0.63
N LYS D 263 -33.50 42.63 -0.03
CA LYS D 263 -34.24 43.63 -0.76
C LYS D 263 -34.86 44.63 0.22
N SER D 264 -34.67 45.92 -0.06
CA SER D 264 -35.12 46.97 0.84
C SER D 264 -36.63 47.12 0.79
N CYS D 265 -37.35 46.16 1.39
CA CYS D 265 -38.81 46.23 1.45
C CYS D 265 -39.32 45.76 2.80
#